data_5JNL
#
_entry.id   5JNL
#
_cell.length_a   51.473
_cell.length_b   56.035
_cell.length_c   86.041
_cell.angle_alpha   103.10
_cell.angle_beta   102.89
_cell.angle_gamma   100.90
#
_symmetry.space_group_name_H-M   'P 1'
#
loop_
_entity.id
_entity.type
_entity.pdbx_description
1 polymer '1-deoxy-D-xylulose 5-phosphate reductoisomerase, apicoplastic'
2 non-polymer '{(2R)-2-{2-[hydroxy(methyl)amino]-2-oxoethyl}-5-[4-(trifluoromethyl)phenyl]pentyl}phosphonic acid'
3 non-polymer 'MANGANESE (II) ION'
4 non-polymer GLYCEROL
5 non-polymer 1,2-ETHANEDIOL
6 water water
#
_entity_poly.entity_id   1
_entity_poly.type   'polypeptide(L)'
_entity_poly.pdbx_seq_one_letter_code
;MAHHHHHHKKPINVAIFGSTGSIGTNALNIIRECNKIENVFNVKALYVNKSVNELYEQAREFLPEYLCIHDKSVYEELKE
LVKNIKDYKPIILCGDEGMKEICSSNSIDKIVIGIDSFQGLYSTMYAIMNNKIVALANKESIVSAGFFLKKLLNIHKNAK
IIPVDSEHSAIFQCLDNNKVLKTKCLQDNFSKINNINKIFLCSSGGPFQNLTMDELKNVTSENALKHPKWKMGKKITIDS
ATMMNKGLEVIETHFLFDVDYNDIEVIVHKECIIHSCVEFIDKSVISQMYYPDMQIPILYSLTWPDRIKTNLKPLDLAQV
STLTFHKPSLEHFPCIKLAYQAGIKGNFYPTVLNASNEIANNLFLNNKIKYFDISSIISQVLESFNSQKVSENSEDLMKQ
ILQIHSWAKDKATDIYNKHNSS
;
_entity_poly.pdbx_strand_id   A,B
#
# COMPACT_ATOMS: atom_id res chain seq x y z
N PRO A 11 -8.46 8.68 24.92
CA PRO A 11 -9.55 8.54 23.96
C PRO A 11 -9.53 9.60 22.86
N ILE A 12 -10.13 9.28 21.72
CA ILE A 12 -10.19 10.19 20.57
C ILE A 12 -11.48 11.00 20.70
N ASN A 13 -11.33 12.31 20.90
CA ASN A 13 -12.47 13.20 21.14
C ASN A 13 -12.94 13.78 19.81
N VAL A 14 -14.13 13.37 19.36
N VAL A 14 -14.14 13.36 19.38
CA VAL A 14 -14.61 13.69 18.02
CA VAL A 14 -14.67 13.66 18.04
C VAL A 14 -15.92 14.48 18.03
C VAL A 14 -15.89 14.55 18.11
N ALA A 15 -15.99 15.49 17.17
CA ALA A 15 -17.24 16.21 16.88
C ALA A 15 -17.74 15.77 15.51
N ILE A 16 -19.05 15.65 15.37
CA ILE A 16 -19.67 15.30 14.08
C ILE A 16 -20.56 16.46 13.65
N PHE A 17 -20.17 17.12 12.56
CA PHE A 17 -20.91 18.25 11.99
C PHE A 17 -21.75 17.73 10.82
N GLY A 18 -23.06 17.85 10.95
CA GLY A 18 -23.98 17.21 10.00
C GLY A 18 -24.21 15.76 10.38
N SER A 19 -24.50 15.52 11.65
CA SER A 19 -24.50 14.15 12.20
C SER A 19 -25.64 13.25 11.72
N THR A 20 -26.70 13.83 11.14
CA THR A 20 -27.82 13.05 10.59
C THR A 20 -27.71 12.81 9.08
N GLY A 21 -26.68 13.36 8.43
CA GLY A 21 -26.40 13.08 7.03
C GLY A 21 -25.70 11.76 6.81
N SER A 22 -25.41 11.45 5.56
CA SER A 22 -24.79 10.18 5.16
C SER A 22 -23.43 9.93 5.83
N ILE A 23 -22.54 10.91 5.76
CA ILE A 23 -21.21 10.79 6.36
C ILE A 23 -21.33 10.69 7.88
N GLY A 24 -22.18 11.56 8.45
CA GLY A 24 -22.38 11.62 9.90
C GLY A 24 -22.91 10.34 10.50
N THR A 25 -23.90 9.74 9.85
CA THR A 25 -24.48 8.48 10.34
C THR A 25 -23.51 7.31 10.18
N ASN A 26 -22.81 7.24 9.05
CA ASN A 26 -21.77 6.22 8.87
C ASN A 26 -20.62 6.36 9.87
N ALA A 27 -20.28 7.61 10.21
CA ALA A 27 -19.28 7.89 11.23
C ALA A 27 -19.73 7.36 12.61
N LEU A 28 -20.97 7.67 12.97
CA LEU A 28 -21.51 7.20 14.25
C LEU A 28 -21.65 5.69 14.29
N ASN A 29 -21.99 5.07 13.16
CA ASN A 29 -22.08 3.61 13.07
C ASN A 29 -20.75 2.92 13.33
N ILE A 30 -19.69 3.36 12.66
CA ILE A 30 -18.37 2.74 12.84
C ILE A 30 -17.80 3.06 14.23
N ILE A 31 -18.08 4.26 14.74
CA ILE A 31 -17.70 4.62 16.12
C ILE A 31 -18.38 3.67 17.11
N ARG A 32 -19.67 3.45 16.91
CA ARG A 32 -20.44 2.52 17.77
C ARG A 32 -19.80 1.12 17.74
N GLU A 33 -19.56 0.59 16.54
CA GLU A 33 -19.05 -0.77 16.40
C GLU A 33 -17.64 -0.91 16.96
N CYS A 34 -16.77 0.04 16.64
CA CYS A 34 -15.41 0.04 17.19
C CYS A 34 -15.39 0.16 18.70
N ASN A 35 -16.26 1.00 19.27
CA ASN A 35 -16.32 1.18 20.73
C ASN A 35 -16.76 -0.07 21.49
N LYS A 36 -17.52 -0.94 20.84
CA LYS A 36 -17.85 -2.26 21.40
C LYS A 36 -16.65 -3.16 21.58
N ILE A 37 -15.64 -3.01 20.71
CA ILE A 37 -14.41 -3.81 20.77
C ILE A 37 -13.45 -3.21 21.80
N GLU A 38 -13.33 -1.89 21.77
CA GLU A 38 -12.49 -1.17 22.73
C GLU A 38 -12.95 0.28 22.80
N ASN A 39 -13.02 0.82 24.01
CA ASN A 39 -13.42 2.21 24.20
C ASN A 39 -12.37 3.16 23.64
N VAL A 40 -12.59 3.58 22.41
CA VAL A 40 -11.63 4.39 21.65
C VAL A 40 -12.12 5.83 21.49
N PHE A 41 -13.41 6.00 21.23
CA PHE A 41 -13.94 7.30 20.85
C PHE A 41 -14.85 7.87 21.93
N ASN A 42 -14.75 9.17 22.13
N ASN A 42 -14.73 9.18 22.15
CA ASN A 42 -15.74 9.93 22.87
CA ASN A 42 -15.72 9.96 22.88
C ASN A 42 -16.34 10.90 21.88
C ASN A 42 -16.33 10.90 21.86
N VAL A 43 -17.63 10.75 21.61
CA VAL A 43 -18.36 11.66 20.74
C VAL A 43 -18.67 12.88 21.61
N LYS A 44 -17.92 13.97 21.41
CA LYS A 44 -17.98 15.14 22.29
C LYS A 44 -19.00 16.19 21.86
N ALA A 45 -19.34 16.20 20.58
CA ALA A 45 -20.26 17.20 20.03
C ALA A 45 -21.01 16.66 18.83
N LEU A 46 -22.27 17.06 18.71
CA LEU A 46 -23.09 16.78 17.55
C LEU A 46 -23.74 18.09 17.09
N TYR A 47 -23.78 18.28 15.77
CA TYR A 47 -24.25 19.52 15.15
C TYR A 47 -25.12 19.12 13.98
N VAL A 48 -26.36 19.62 13.97
CA VAL A 48 -27.29 19.39 12.85
C VAL A 48 -27.98 20.69 12.49
N ASN A 49 -28.67 20.70 11.35
CA ASN A 49 -29.40 21.88 10.91
C ASN A 49 -30.73 22.01 11.66
N LYS A 50 -31.67 21.12 11.37
CA LYS A 50 -33.03 21.19 11.95
C LYS A 50 -33.67 19.84 12.38
N SER A 51 -32.93 18.73 12.32
CA SER A 51 -33.46 17.41 12.66
C SER A 51 -33.35 17.18 14.16
N VAL A 52 -34.19 17.91 14.90
CA VAL A 52 -34.13 17.95 16.36
C VAL A 52 -34.40 16.58 17.02
N ASN A 53 -35.29 15.79 16.44
CA ASN A 53 -35.64 14.46 16.98
C ASN A 53 -34.53 13.45 16.75
N GLU A 54 -33.95 13.48 15.55
CA GLU A 54 -32.84 12.58 15.20
C GLU A 54 -31.61 12.91 16.06
N LEU A 55 -31.36 14.20 16.29
CA LEU A 55 -30.30 14.66 17.21
C LEU A 55 -30.54 14.20 18.65
N TYR A 56 -31.79 14.27 19.10
CA TYR A 56 -32.18 13.77 20.42
C TYR A 56 -31.86 12.27 20.57
N GLU A 57 -32.25 11.48 19.58
CA GLU A 57 -31.99 10.04 19.57
C GLU A 57 -30.49 9.73 19.56
N GLN A 58 -29.72 10.50 18.78
CA GLN A 58 -28.27 10.39 18.81
C GLN A 58 -27.69 10.80 20.15
N ALA A 59 -28.21 11.90 20.72
CA ALA A 59 -27.75 12.38 22.03
C ALA A 59 -28.02 11.36 23.14
N ARG A 60 -29.13 10.64 23.04
CA ARG A 60 -29.51 9.61 24.02
C ARG A 60 -28.47 8.50 24.06
N GLU A 61 -28.00 8.09 22.88
CA GLU A 61 -26.99 7.04 22.76
C GLU A 61 -25.58 7.52 23.11
N PHE A 62 -25.13 8.61 22.47
CA PHE A 62 -23.74 9.03 22.52
C PHE A 62 -23.40 10.03 23.63
N LEU A 63 -24.42 10.66 24.22
CA LEU A 63 -24.25 11.57 25.36
C LEU A 63 -23.11 12.60 25.21
N PRO A 64 -23.12 13.34 24.08
CA PRO A 64 -22.04 14.31 23.87
C PRO A 64 -22.10 15.50 24.82
N GLU A 65 -20.93 16.04 25.17
CA GLU A 65 -20.84 17.23 26.03
C GLU A 65 -21.52 18.43 25.39
N TYR A 66 -21.43 18.55 24.07
CA TYR A 66 -22.04 19.64 23.31
C TYR A 66 -23.12 19.11 22.37
N LEU A 67 -24.22 19.86 22.27
CA LEU A 67 -25.20 19.69 21.22
C LEU A 67 -25.40 21.06 20.59
N CYS A 68 -25.54 21.08 19.27
CA CYS A 68 -25.77 22.32 18.53
C CYS A 68 -26.77 22.11 17.42
N ILE A 69 -27.72 23.03 17.31
CA ILE A 69 -28.70 23.00 16.24
C ILE A 69 -28.66 24.36 15.55
N HIS A 70 -28.53 24.35 14.22
CA HIS A 70 -28.29 25.59 13.47
C HIS A 70 -29.54 26.48 13.45
N ASP A 71 -30.70 25.84 13.29
CA ASP A 71 -31.99 26.54 13.31
C ASP A 71 -32.39 26.88 14.74
N LYS A 72 -32.33 28.18 15.07
CA LYS A 72 -32.75 28.70 16.40
C LYS A 72 -34.22 28.38 16.76
N SER A 73 -35.08 28.22 15.76
CA SER A 73 -36.51 27.93 15.98
C SER A 73 -36.82 26.59 16.68
N VAL A 74 -35.89 25.64 16.62
CA VAL A 74 -36.06 24.34 17.31
C VAL A 74 -35.17 24.19 18.55
N TYR A 75 -34.53 25.27 18.98
CA TYR A 75 -33.63 25.27 20.14
C TYR A 75 -34.35 24.87 21.42
N GLU A 76 -35.51 25.48 21.66
CA GLU A 76 -36.31 25.22 22.86
C GLU A 76 -36.87 23.79 22.85
N GLU A 77 -37.28 23.31 21.68
CA GLU A 77 -37.73 21.92 21.50
C GLU A 77 -36.61 20.90 21.83
N LEU A 78 -35.37 21.23 21.47
CA LEU A 78 -34.20 20.40 21.80
C LEU A 78 -33.96 20.38 23.30
N LYS A 79 -33.96 21.55 23.94
CA LYS A 79 -33.84 21.68 25.40
C LYS A 79 -34.79 20.75 26.15
N GLU A 80 -36.06 20.78 25.73
CA GLU A 80 -37.10 19.99 26.39
C GLU A 80 -36.96 18.49 26.15
N LEU A 81 -36.64 18.09 24.91
CA LEU A 81 -36.40 16.67 24.59
C LEU A 81 -35.25 16.09 25.41
N VAL A 82 -34.16 16.86 25.54
CA VAL A 82 -32.95 16.43 26.25
C VAL A 82 -33.17 16.22 27.76
N LYS A 83 -34.16 16.90 28.34
CA LYS A 83 -34.56 16.64 29.75
C LYS A 83 -35.01 15.19 30.00
N ASN A 84 -35.49 14.50 28.96
CA ASN A 84 -35.87 13.08 29.05
C ASN A 84 -34.67 12.16 29.31
N ILE A 85 -33.48 12.56 28.87
CA ILE A 85 -32.27 11.75 29.04
C ILE A 85 -31.76 11.94 30.46
N LYS A 86 -31.49 10.84 31.15
CA LYS A 86 -31.15 10.87 32.57
C LYS A 86 -29.63 10.90 32.75
N ASP A 87 -29.19 11.54 33.83
CA ASP A 87 -27.76 11.68 34.17
C ASP A 87 -26.98 12.39 33.04
N TYR A 88 -27.54 13.48 32.52
CA TYR A 88 -27.04 14.11 31.29
C TYR A 88 -27.36 15.61 31.22
N LYS A 89 -26.34 16.45 31.44
CA LYS A 89 -26.46 17.91 31.38
C LYS A 89 -25.53 18.47 30.29
N PRO A 90 -25.96 18.41 29.02
CA PRO A 90 -25.10 18.90 27.93
C PRO A 90 -25.10 20.41 27.78
N ILE A 91 -24.07 20.93 27.14
CA ILE A 91 -24.03 22.33 26.71
C ILE A 91 -24.78 22.42 25.39
N ILE A 92 -25.96 23.04 25.41
CA ILE A 92 -26.82 23.12 24.22
C ILE A 92 -26.66 24.51 23.60
N LEU A 93 -26.28 24.53 22.32
CA LEU A 93 -25.93 25.76 21.59
C LEU A 93 -26.73 25.90 20.30
N CYS A 94 -26.69 27.10 19.72
CA CYS A 94 -27.46 27.43 18.51
C CYS A 94 -26.59 28.11 17.46
N GLY A 95 -26.88 27.80 16.20
CA GLY A 95 -26.37 28.56 15.05
C GLY A 95 -24.86 28.57 14.86
N ASP A 96 -24.40 29.53 14.04
CA ASP A 96 -22.97 29.76 13.79
C ASP A 96 -22.17 29.97 15.08
N GLU A 97 -22.73 30.72 16.02
CA GLU A 97 -22.06 30.95 17.31
C GLU A 97 -21.81 29.65 18.10
N GLY A 98 -22.74 28.70 18.01
CA GLY A 98 -22.57 27.40 18.67
C GLY A 98 -21.50 26.55 17.99
N MET A 99 -21.56 26.51 16.66
CA MET A 99 -20.55 25.84 15.84
C MET A 99 -19.14 26.33 16.18
N LYS A 100 -18.98 27.66 16.22
CA LYS A 100 -17.70 28.30 16.58
C LYS A 100 -17.22 27.97 18.00
N GLU A 101 -18.14 27.88 18.96
CA GLU A 101 -17.79 27.54 20.33
C GLU A 101 -17.31 26.10 20.44
N ILE A 102 -17.95 25.20 19.70
CA ILE A 102 -17.52 23.80 19.63
C ILE A 102 -16.10 23.74 19.03
N CYS A 103 -15.87 24.42 17.92
CA CYS A 103 -14.54 24.49 17.31
C CYS A 103 -13.46 25.02 18.25
N SER A 104 -13.82 25.97 19.11
CA SER A 104 -12.85 26.56 20.05
C SER A 104 -12.62 25.72 21.31
N SER A 105 -13.44 24.70 21.55
CA SER A 105 -13.25 23.83 22.71
C SER A 105 -11.94 23.07 22.62
N ASN A 106 -11.12 23.21 23.66
CA ASN A 106 -9.87 22.47 23.74
C ASN A 106 -10.09 20.99 24.13
N SER A 107 -11.35 20.58 24.37
CA SER A 107 -11.70 19.17 24.60
C SER A 107 -12.02 18.36 23.33
N ILE A 108 -12.02 18.99 22.16
CA ILE A 108 -12.32 18.32 20.90
C ILE A 108 -11.06 18.26 20.04
N ASP A 109 -10.72 17.04 19.60
CA ASP A 109 -9.50 16.79 18.83
C ASP A 109 -9.78 16.81 17.33
N LYS A 110 -10.88 16.19 16.92
CA LYS A 110 -11.14 15.91 15.51
C LYS A 110 -12.58 16.25 15.17
N ILE A 111 -12.78 16.83 14.00
CA ILE A 111 -14.12 17.22 13.55
C ILE A 111 -14.41 16.59 12.19
N VAL A 112 -15.49 15.82 12.13
CA VAL A 112 -15.98 15.25 10.87
C VAL A 112 -16.94 16.26 10.25
N ILE A 113 -16.61 16.75 9.07
CA ILE A 113 -17.46 17.72 8.40
C ILE A 113 -18.21 17.03 7.26
N GLY A 114 -19.45 16.67 7.57
CA GLY A 114 -20.38 16.05 6.64
C GLY A 114 -21.52 17.01 6.34
N ILE A 115 -21.16 18.23 5.94
CA ILE A 115 -22.10 19.26 5.54
C ILE A 115 -21.73 19.64 4.11
N ASP A 116 -22.75 19.82 3.26
CA ASP A 116 -22.54 20.19 1.86
C ASP A 116 -22.52 21.71 1.69
N SER A 117 -22.05 22.17 0.53
CA SER A 117 -22.11 23.58 0.13
C SER A 117 -21.29 24.53 1.04
N PHE A 118 -21.65 25.81 1.08
CA PHE A 118 -20.91 26.85 1.82
C PHE A 118 -20.78 26.59 3.33
N GLN A 119 -21.84 26.09 3.95
CA GLN A 119 -21.85 25.86 5.40
C GLN A 119 -20.81 24.83 5.83
N GLY A 120 -20.53 23.86 4.96
CA GLY A 120 -19.42 22.92 5.14
C GLY A 120 -18.07 23.62 5.11
N LEU A 121 -17.89 24.51 4.13
CA LEU A 121 -16.67 25.33 4.03
C LEU A 121 -16.52 26.27 5.23
N TYR A 122 -17.63 26.86 5.67
CA TYR A 122 -17.63 27.80 6.80
C TYR A 122 -17.20 27.13 8.10
N SER A 123 -17.74 25.95 8.36
CA SER A 123 -17.36 25.17 9.54
CA SER A 123 -17.35 25.17 9.54
C SER A 123 -15.92 24.65 9.44
N THR A 124 -15.52 24.22 8.23
CA THR A 124 -14.13 23.81 7.97
C THR A 124 -13.16 24.95 8.33
N MET A 125 -13.49 26.16 7.88
CA MET A 125 -12.70 27.36 8.16
C MET A 125 -12.45 27.53 9.67
N TYR A 126 -13.53 27.49 10.44
CA TYR A 126 -13.44 27.64 11.89
C TYR A 126 -12.74 26.49 12.60
N ALA A 127 -12.89 25.27 12.08
CA ALA A 127 -12.14 24.13 12.61
C ALA A 127 -10.63 24.33 12.38
N ILE A 128 -10.26 24.78 11.19
CA ILE A 128 -8.86 25.07 10.87
C ILE A 128 -8.31 26.20 11.75
N MET A 129 -9.10 27.26 11.90
CA MET A 129 -8.68 28.40 12.72
C MET A 129 -8.42 28.04 14.17
N ASN A 130 -9.02 26.95 14.64
CA ASN A 130 -8.77 26.40 15.97
C ASN A 130 -7.81 25.20 16.04
N ASN A 131 -7.04 25.00 14.97
CA ASN A 131 -5.97 24.01 14.91
C ASN A 131 -6.46 22.58 15.13
N LYS A 132 -7.66 22.30 14.63
CA LYS A 132 -8.23 20.96 14.73
C LYS A 132 -7.83 20.09 13.56
N ILE A 133 -7.97 18.77 13.77
CA ILE A 133 -7.93 17.78 12.69
C ILE A 133 -9.34 17.76 12.10
N VAL A 134 -9.44 17.95 10.79
CA VAL A 134 -10.72 18.08 10.09
C VAL A 134 -10.84 16.92 9.10
N ALA A 135 -11.76 16.01 9.37
CA ALA A 135 -12.07 14.91 8.47
C ALA A 135 -13.08 15.43 7.46
N LEU A 136 -12.61 15.69 6.25
CA LEU A 136 -13.39 16.41 5.23
C LEU A 136 -13.84 15.52 4.08
N ALA A 137 -15.16 15.43 3.91
CA ALA A 137 -15.78 14.67 2.81
C ALA A 137 -16.21 15.57 1.63
N ASN A 138 -16.38 16.86 1.89
CA ASN A 138 -16.93 17.80 0.91
C ASN A 138 -15.90 18.15 -0.18
N LYS A 139 -15.89 17.36 -1.26
CA LYS A 139 -14.93 17.58 -2.36
C LYS A 139 -15.17 18.89 -3.11
N GLU A 140 -16.42 19.33 -3.20
CA GLU A 140 -16.74 20.62 -3.81
C GLU A 140 -16.04 21.80 -3.10
N SER A 141 -15.90 21.73 -1.77
CA SER A 141 -15.20 22.78 -1.02
C SER A 141 -13.70 22.88 -1.32
N ILE A 142 -13.06 21.74 -1.53
CA ILE A 142 -11.65 21.68 -1.94
C ILE A 142 -11.48 22.19 -3.38
N VAL A 143 -12.38 21.78 -4.28
CA VAL A 143 -12.30 22.19 -5.68
C VAL A 143 -12.54 23.69 -5.79
N SER A 144 -13.53 24.18 -5.06
CA SER A 144 -13.92 25.58 -5.17
C SER A 144 -13.03 26.55 -4.38
N ALA A 145 -12.58 26.13 -3.21
CA ALA A 145 -11.88 27.04 -2.27
C ALA A 145 -10.50 26.54 -1.87
N GLY A 146 -9.89 25.71 -2.70
CA GLY A 146 -8.58 25.12 -2.42
C GLY A 146 -7.50 26.12 -2.04
N PHE A 147 -7.45 27.24 -2.76
CA PHE A 147 -6.52 28.36 -2.46
C PHE A 147 -6.70 28.88 -1.05
N PHE A 148 -7.95 29.14 -0.71
CA PHE A 148 -8.33 29.67 0.59
C PHE A 148 -7.95 28.65 1.69
N LEU A 149 -8.29 27.38 1.48
CA LEU A 149 -7.92 26.34 2.45
C LEU A 149 -6.40 26.22 2.63
N LYS A 150 -5.65 26.26 1.53
CA LYS A 150 -4.19 26.20 1.57
C LYS A 150 -3.60 27.37 2.36
N LYS A 151 -4.13 28.56 2.13
CA LYS A 151 -3.73 29.76 2.86
C LYS A 151 -4.00 29.61 4.35
N LEU A 152 -5.21 29.18 4.71
CA LEU A 152 -5.56 29.00 6.12
C LEU A 152 -4.68 27.96 6.80
N LEU A 153 -4.39 26.87 6.08
CA LEU A 153 -3.53 25.80 6.62
C LEU A 153 -2.08 26.24 6.78
N ASN A 154 -1.62 27.17 5.95
CA ASN A 154 -0.26 27.74 6.09
C ASN A 154 -0.16 28.59 7.36
N ILE A 155 -1.24 29.28 7.71
CA ILE A 155 -1.29 30.14 8.90
C ILE A 155 -1.46 29.32 10.18
N HIS A 156 -2.37 28.35 10.15
CA HIS A 156 -2.73 27.57 11.34
C HIS A 156 -1.99 26.25 11.25
N LYS A 157 -0.77 26.26 11.75
CA LYS A 157 0.21 25.22 11.45
C LYS A 157 -0.22 23.84 11.95
N ASN A 158 -0.88 23.77 13.11
CA ASN A 158 -1.33 22.49 13.67
C ASN A 158 -2.66 21.96 13.11
N ALA A 159 -3.38 22.77 12.33
CA ALA A 159 -4.63 22.32 11.71
C ALA A 159 -4.27 21.35 10.60
N LYS A 160 -5.11 20.34 10.39
CA LYS A 160 -4.89 19.37 9.33
C LYS A 160 -6.22 19.00 8.70
N ILE A 161 -6.24 18.88 7.37
CA ILE A 161 -7.34 18.25 6.65
C ILE A 161 -6.93 16.80 6.39
N ILE A 162 -7.79 15.87 6.77
CA ILE A 162 -7.62 14.44 6.48
C ILE A 162 -8.76 14.06 5.54
N PRO A 163 -8.44 13.51 4.35
CA PRO A 163 -9.49 13.25 3.37
C PRO A 163 -10.35 12.03 3.72
N VAL A 164 -11.65 12.17 3.49
CA VAL A 164 -12.65 11.12 3.71
C VAL A 164 -13.18 10.53 2.39
N ASP A 165 -13.16 11.31 1.30
CA ASP A 165 -13.52 10.82 -0.04
C ASP A 165 -12.73 9.49 -0.25
N SER A 166 -13.41 8.43 -0.65
CA SER A 166 -12.82 7.08 -0.59
C SER A 166 -11.51 6.93 -1.36
N GLU A 167 -11.41 7.55 -2.54
CA GLU A 167 -10.22 7.46 -3.36
C GLU A 167 -9.07 8.22 -2.72
N HIS A 168 -9.39 9.32 -2.05
CA HIS A 168 -8.38 10.18 -1.45
C HIS A 168 -7.93 9.61 -0.14
N SER A 169 -8.86 8.99 0.58
CA SER A 169 -8.49 8.16 1.74
C SER A 169 -7.57 7.02 1.32
N ALA A 170 -7.91 6.36 0.21
CA ALA A 170 -7.09 5.25 -0.29
C ALA A 170 -5.67 5.75 -0.56
N ILE A 171 -5.56 6.87 -1.28
CA ILE A 171 -4.25 7.47 -1.57
C ILE A 171 -3.50 7.75 -0.27
N PHE A 172 -4.19 8.38 0.67
CA PHE A 172 -3.62 8.76 1.96
C PHE A 172 -3.14 7.53 2.74
N GLN A 173 -3.95 6.46 2.72
CA GLN A 173 -3.60 5.18 3.35
C GLN A 173 -2.38 4.49 2.71
N CYS A 174 -2.11 4.79 1.44
CA CYS A 174 -0.97 4.25 0.71
C CYS A 174 0.35 4.95 1.03
N LEU A 175 0.31 6.05 1.78
CA LEU A 175 1.49 6.82 2.12
C LEU A 175 2.11 6.39 3.43
N ASP A 176 3.42 6.57 3.53
CA ASP A 176 4.19 6.21 4.70
C ASP A 176 4.05 7.34 5.71
N ASN A 177 3.47 7.04 6.88
CA ASN A 177 3.24 8.11 7.87
C ASN A 177 4.51 8.70 8.46
N ASN A 178 5.61 7.97 8.38
CA ASN A 178 6.92 8.55 8.69
C ASN A 178 7.20 9.78 7.81
N LYS A 179 6.72 9.76 6.56
CA LYS A 179 6.81 10.91 5.65
C LYS A 179 5.65 11.89 5.81
N VAL A 180 4.42 11.37 5.94
CA VAL A 180 3.24 12.24 6.08
C VAL A 180 3.38 13.16 7.27
N LEU A 181 3.86 12.61 8.39
CA LEU A 181 4.05 13.40 9.61
C LEU A 181 5.04 14.58 9.50
N LYS A 182 5.88 14.59 8.47
CA LYS A 182 6.76 15.73 8.16
C LYS A 182 6.09 16.88 7.40
N THR A 183 4.84 16.70 7.01
CA THR A 183 4.11 17.67 6.17
C THR A 183 2.62 17.55 6.55
N LYS A 184 1.74 17.91 5.65
CA LYS A 184 0.30 17.66 5.82
C LYS A 184 -0.38 17.93 4.47
N CYS A 185 -1.59 17.42 4.30
CA CYS A 185 -2.35 17.62 3.07
C CYS A 185 -2.57 19.11 2.77
N LEU A 186 -2.70 19.42 1.49
CA LEU A 186 -2.96 20.79 1.04
C LEU A 186 -1.82 21.74 1.39
N GLN A 187 -0.60 21.22 1.27
CA GLN A 187 0.63 22.00 1.46
C GLN A 187 1.55 21.77 0.29
N ASP A 188 2.32 22.82 -0.04
CA ASP A 188 3.33 22.71 -1.06
C ASP A 188 4.37 21.68 -0.65
N ASN A 189 4.87 20.93 -1.62
CA ASN A 189 5.90 19.90 -1.44
C ASN A 189 5.42 18.61 -0.77
N PHE A 190 4.12 18.42 -0.60
CA PHE A 190 3.59 17.18 -0.03
C PHE A 190 4.05 15.96 -0.82
N SER A 191 3.94 16.04 -2.15
N SER A 191 3.94 16.04 -2.15
CA SER A 191 4.30 14.92 -3.02
CA SER A 191 4.31 14.93 -3.01
C SER A 191 5.79 14.61 -2.99
C SER A 191 5.80 14.61 -2.95
N LYS A 192 6.62 15.65 -2.99
CA LYS A 192 8.09 15.51 -2.87
C LYS A 192 8.48 14.83 -1.55
N ILE A 193 7.92 15.29 -0.44
CA ILE A 193 8.24 14.72 0.87
C ILE A 193 7.82 13.26 0.97
N ASN A 194 6.68 12.93 0.36
CA ASN A 194 6.15 11.56 0.35
C ASN A 194 6.65 10.67 -0.80
N ASN A 195 7.57 11.18 -1.64
CA ASN A 195 8.12 10.43 -2.76
C ASN A 195 7.07 9.98 -3.79
N ILE A 196 6.00 10.77 -3.94
CA ILE A 196 4.92 10.41 -4.84
C ILE A 196 5.31 10.82 -6.25
N ASN A 197 5.13 9.89 -7.19
CA ASN A 197 5.36 10.17 -8.60
C ASN A 197 4.08 10.39 -9.38
N LYS A 198 3.07 9.58 -9.11
CA LYS A 198 1.88 9.52 -9.95
C LYS A 198 0.74 8.86 -9.17
N ILE A 199 -0.50 9.23 -9.51
CA ILE A 199 -1.69 8.69 -8.87
C ILE A 199 -2.59 8.00 -9.88
N PHE A 200 -3.03 6.77 -9.54
CA PHE A 200 -4.16 6.13 -10.24
C PHE A 200 -5.42 6.39 -9.43
N LEU A 201 -6.34 7.16 -10.00
CA LEU A 201 -7.60 7.49 -9.36
C LEU A 201 -8.68 6.54 -9.92
N CYS A 202 -9.11 5.59 -9.10
CA CYS A 202 -10.01 4.54 -9.55
C CYS A 202 -11.45 5.02 -9.58
N SER A 203 -12.16 4.63 -10.63
CA SER A 203 -13.55 5.02 -10.86
C SER A 203 -14.40 3.81 -11.11
N SER A 204 -15.61 3.80 -10.59
CA SER A 204 -16.58 2.76 -10.92
C SER A 204 -16.92 2.82 -12.42
N GLY A 205 -16.82 4.02 -13.01
CA GLY A 205 -17.19 4.25 -14.40
C GLY A 205 -18.64 4.67 -14.59
N GLY A 206 -19.46 4.52 -13.54
CA GLY A 206 -20.88 4.89 -13.61
C GLY A 206 -21.70 3.96 -14.50
N PRO A 207 -23.00 4.28 -14.66
CA PRO A 207 -23.91 3.42 -15.43
C PRO A 207 -23.73 3.42 -16.96
N PHE A 208 -23.15 4.48 -17.53
CA PHE A 208 -23.10 4.65 -18.99
C PHE A 208 -21.82 4.17 -19.64
N GLN A 209 -21.05 3.35 -18.93
CA GLN A 209 -19.67 3.12 -19.27
C GLN A 209 -19.46 2.37 -20.60
N ASN A 210 -20.44 1.59 -21.07
CA ASN A 210 -20.33 0.91 -22.37
C ASN A 210 -21.15 1.53 -23.52
N LEU A 211 -21.88 2.61 -23.25
CA LEU A 211 -22.78 3.20 -24.24
C LEU A 211 -22.05 3.87 -25.38
N THR A 212 -22.65 3.84 -26.57
CA THR A 212 -22.10 4.55 -27.73
C THR A 212 -22.38 6.04 -27.60
N MET A 213 -21.69 6.84 -28.42
CA MET A 213 -21.94 8.29 -28.49
C MET A 213 -23.41 8.57 -28.81
N ASP A 214 -23.96 7.88 -29.80
CA ASP A 214 -25.38 8.01 -30.15
C ASP A 214 -26.33 7.62 -29.02
N GLU A 215 -25.98 6.59 -28.25
CA GLU A 215 -26.77 6.22 -27.06
C GLU A 215 -26.69 7.26 -25.96
N LEU A 216 -25.49 7.79 -25.73
CA LEU A 216 -25.28 8.86 -24.75
C LEU A 216 -26.07 10.11 -25.08
N LYS A 217 -26.24 10.40 -26.37
CA LYS A 217 -27.05 11.55 -26.81
C LYS A 217 -28.43 11.61 -26.16
N ASN A 218 -29.04 10.46 -25.90
CA ASN A 218 -30.42 10.41 -25.38
C ASN A 218 -30.62 9.80 -23.98
N VAL A 219 -29.55 9.52 -23.23
CA VAL A 219 -29.73 9.07 -21.85
C VAL A 219 -30.40 10.16 -20.99
N THR A 220 -31.30 9.72 -20.09
CA THR A 220 -31.99 10.62 -19.16
C THR A 220 -31.48 10.42 -17.74
N SER A 221 -31.92 11.29 -16.83
CA SER A 221 -31.56 11.17 -15.41
C SER A 221 -32.11 9.90 -14.76
N GLU A 222 -33.25 9.40 -15.23
CA GLU A 222 -33.79 8.12 -14.75
C GLU A 222 -32.82 6.97 -15.04
N ASN A 223 -32.23 6.95 -16.23
CA ASN A 223 -31.18 5.98 -16.59
C ASN A 223 -29.99 6.04 -15.62
N ALA A 224 -29.57 7.26 -15.27
CA ALA A 224 -28.48 7.47 -14.32
C ALA A 224 -28.83 7.03 -12.91
N LEU A 225 -30.07 7.29 -12.50
CA LEU A 225 -30.55 6.97 -11.14
C LEU A 225 -31.13 5.55 -10.99
N LYS A 226 -31.25 4.79 -12.09
CA LYS A 226 -31.79 3.41 -12.04
C LYS A 226 -30.83 2.46 -11.32
N HIS A 227 -31.40 1.52 -10.55
CA HIS A 227 -30.67 0.56 -9.68
C HIS A 227 -29.16 0.82 -9.48
N PRO A 228 -28.81 1.76 -8.57
CA PRO A 228 -27.40 2.05 -8.31
C PRO A 228 -26.60 0.85 -7.78
N LYS A 229 -25.33 0.77 -8.18
CA LYS A 229 -24.40 -0.25 -7.65
C LYS A 229 -24.17 -0.01 -6.16
N TRP A 230 -23.98 1.26 -5.80
CA TRP A 230 -24.04 1.72 -4.40
C TRP A 230 -25.02 2.89 -4.35
N LYS A 231 -26.04 2.79 -3.50
CA LYS A 231 -27.12 3.79 -3.44
C LYS A 231 -26.61 5.05 -2.72
N MET A 232 -26.71 6.19 -3.40
CA MET A 232 -26.19 7.47 -2.88
C MET A 232 -27.02 8.65 -3.43
N GLY A 233 -26.69 9.87 -3.00
CA GLY A 233 -27.45 11.07 -3.37
C GLY A 233 -27.54 11.36 -4.86
N LYS A 234 -28.55 12.12 -5.25
CA LYS A 234 -28.85 12.38 -6.66
C LYS A 234 -27.75 13.16 -7.38
N LYS A 235 -27.27 14.22 -6.75
CA LYS A 235 -26.21 15.06 -7.34
C LYS A 235 -24.96 14.23 -7.68
N ILE A 236 -24.42 13.50 -6.69
CA ILE A 236 -23.23 12.66 -6.96
C ILE A 236 -23.52 11.53 -7.96
N THR A 237 -24.74 11.00 -7.97
CA THR A 237 -25.09 9.94 -8.91
C THR A 237 -25.05 10.46 -10.37
N ILE A 238 -25.55 11.67 -10.60
CA ILE A 238 -25.43 12.30 -11.91
C ILE A 238 -23.96 12.57 -12.24
N ASP A 239 -23.20 13.08 -11.27
CA ASP A 239 -21.75 13.28 -11.47
C ASP A 239 -21.01 11.98 -11.77
N SER A 240 -21.43 10.87 -11.18
CA SER A 240 -20.85 9.56 -11.47
C SER A 240 -21.18 9.13 -12.90
N ALA A 241 -22.40 9.43 -13.35
CA ALA A 241 -22.81 9.11 -14.72
C ALA A 241 -22.04 9.87 -15.79
N THR A 242 -21.77 11.16 -15.54
CA THR A 242 -21.00 11.98 -16.48
C THR A 242 -19.50 11.85 -16.30
N MET A 243 -19.09 11.21 -15.19
CA MET A 243 -17.71 11.16 -14.71
C MET A 243 -17.16 12.53 -14.30
N MET A 244 -18.03 13.54 -14.16
CA MET A 244 -17.59 14.78 -13.57
C MET A 244 -17.21 14.54 -12.11
N ASN A 245 -17.76 13.51 -11.48
CA ASN A 245 -17.35 13.19 -10.12
C ASN A 245 -15.84 12.96 -10.08
N LYS A 246 -15.33 12.12 -10.99
CA LYS A 246 -13.87 11.92 -11.11
C LYS A 246 -13.12 13.18 -11.49
N GLY A 247 -13.72 13.98 -12.37
CA GLY A 247 -13.14 15.26 -12.74
C GLY A 247 -12.87 16.12 -11.53
N LEU A 248 -13.89 16.26 -10.68
CA LEU A 248 -13.76 17.01 -9.43
C LEU A 248 -12.71 16.37 -8.54
N GLU A 249 -12.68 15.04 -8.51
CA GLU A 249 -11.71 14.31 -7.70
C GLU A 249 -10.27 14.45 -8.19
N VAL A 250 -10.06 14.65 -9.49
CA VAL A 250 -8.74 14.95 -10.03
C VAL A 250 -8.22 16.26 -9.43
N ILE A 251 -9.06 17.29 -9.45
CA ILE A 251 -8.69 18.57 -8.86
C ILE A 251 -8.47 18.44 -7.35
N GLU A 252 -9.34 17.69 -6.68
CA GLU A 252 -9.16 17.40 -5.25
C GLU A 252 -7.81 16.74 -4.96
N THR A 253 -7.44 15.76 -5.80
CA THR A 253 -6.14 15.08 -5.70
C THR A 253 -4.97 16.06 -5.83
N HIS A 254 -5.06 16.93 -6.83
CA HIS A 254 -4.03 17.94 -7.08
C HIS A 254 -3.83 18.81 -5.85
N PHE A 255 -4.93 19.29 -5.28
CA PHE A 255 -4.85 20.16 -4.10
C PHE A 255 -4.43 19.44 -2.82
N LEU A 256 -5.04 18.30 -2.54
CA LEU A 256 -4.70 17.56 -1.32
C LEU A 256 -3.25 17.07 -1.29
N PHE A 257 -2.77 16.58 -2.43
CA PHE A 257 -1.50 15.86 -2.45
C PHE A 257 -0.38 16.55 -3.25
N ASP A 258 -0.66 17.72 -3.82
CA ASP A 258 0.32 18.48 -4.65
C ASP A 258 0.95 17.62 -5.76
N VAL A 259 0.08 16.89 -6.46
CA VAL A 259 0.46 16.06 -7.58
C VAL A 259 0.07 16.82 -8.85
N ASP A 260 0.99 16.88 -9.81
CA ASP A 260 0.74 17.56 -11.09
C ASP A 260 -0.37 16.83 -11.83
N TYR A 261 -1.18 17.60 -12.57
CA TYR A 261 -2.28 17.01 -13.35
C TYR A 261 -1.81 15.97 -14.36
N ASN A 262 -0.65 16.18 -14.97
CA ASN A 262 -0.10 15.18 -15.89
C ASN A 262 0.24 13.86 -15.21
N ASP A 263 0.33 13.88 -13.88
CA ASP A 263 0.64 12.68 -13.09
C ASP A 263 -0.58 12.11 -12.36
N ILE A 264 -1.79 12.49 -12.78
CA ILE A 264 -3.00 11.89 -12.24
C ILE A 264 -3.72 11.19 -13.38
N GLU A 265 -3.96 9.89 -13.23
CA GLU A 265 -4.64 9.09 -14.25
C GLU A 265 -5.94 8.54 -13.69
N VAL A 266 -7.03 8.82 -14.38
CA VAL A 266 -8.32 8.21 -14.04
C VAL A 266 -8.39 6.84 -14.70
N ILE A 267 -8.73 5.83 -13.91
CA ILE A 267 -8.82 4.47 -14.43
C ILE A 267 -10.15 3.86 -13.99
N VAL A 268 -10.85 3.22 -14.93
CA VAL A 268 -12.13 2.62 -14.66
C VAL A 268 -11.91 1.20 -14.13
N HIS A 269 -12.36 0.99 -12.90
CA HIS A 269 -12.24 -0.27 -12.19
C HIS A 269 -13.63 -0.63 -11.67
N LYS A 270 -14.37 -1.38 -12.46
CA LYS A 270 -15.80 -1.59 -12.19
C LYS A 270 -16.12 -2.39 -10.93
N GLU A 271 -15.17 -3.19 -10.45
CA GLU A 271 -15.40 -4.01 -9.26
C GLU A 271 -15.38 -3.20 -7.97
N CYS A 272 -14.76 -2.01 -8.01
CA CYS A 272 -14.70 -1.11 -6.86
C CYS A 272 -14.09 -1.75 -5.61
N ILE A 273 -13.08 -2.59 -5.83
CA ILE A 273 -12.28 -3.20 -4.75
C ILE A 273 -11.00 -2.39 -4.48
N ILE A 274 -10.16 -2.22 -5.49
CA ILE A 274 -9.04 -1.27 -5.43
C ILE A 274 -9.59 0.15 -5.46
N HIS A 275 -9.31 0.93 -4.41
CA HIS A 275 -9.94 2.26 -4.28
C HIS A 275 -9.13 3.42 -4.85
N SER A 276 -7.84 3.20 -5.01
CA SER A 276 -6.92 4.03 -5.80
C SER A 276 -5.51 3.54 -5.50
N CYS A 277 -4.54 4.04 -6.24
CA CYS A 277 -3.15 3.57 -6.15
C CYS A 277 -2.19 4.73 -6.25
N VAL A 278 -1.07 4.60 -5.55
CA VAL A 278 -0.01 5.59 -5.60
C VAL A 278 1.25 4.94 -6.16
N GLU A 279 1.80 5.56 -7.21
CA GLU A 279 3.10 5.18 -7.76
C GLU A 279 4.14 6.09 -7.15
N PHE A 280 5.15 5.49 -6.50
CA PHE A 280 6.26 6.25 -5.93
C PHE A 280 7.38 6.46 -6.95
N ILE A 281 8.35 7.29 -6.59
CA ILE A 281 9.41 7.69 -7.52
C ILE A 281 10.31 6.56 -8.02
N ASP A 282 10.34 5.43 -7.30
CA ASP A 282 11.01 4.21 -7.76
C ASP A 282 10.17 3.36 -8.71
N LYS A 283 8.91 3.77 -8.93
CA LYS A 283 7.90 3.08 -9.75
C LYS A 283 7.20 1.91 -9.05
N SER A 284 7.51 1.68 -7.78
CA SER A 284 6.68 0.79 -6.98
C SER A 284 5.29 1.42 -6.81
N VAL A 285 4.26 0.60 -6.89
CA VAL A 285 2.89 1.05 -6.74
C VAL A 285 2.29 0.41 -5.47
N ILE A 286 1.67 1.25 -4.65
CA ILE A 286 0.93 0.77 -3.46
C ILE A 286 -0.54 1.10 -3.69
N SER A 287 -1.42 0.17 -3.34
N SER A 287 -1.41 0.19 -3.28
CA SER A 287 -2.87 0.36 -3.50
CA SER A 287 -2.85 0.36 -3.46
C SER A 287 -3.56 -0.01 -2.21
C SER A 287 -3.56 -0.01 -2.19
N GLN A 288 -4.77 0.53 -2.02
CA GLN A 288 -5.63 0.19 -0.89
C GLN A 288 -6.87 -0.46 -1.45
N MET A 289 -7.29 -1.52 -0.78
CA MET A 289 -8.35 -2.40 -1.23
C MET A 289 -9.30 -2.71 -0.11
N TYR A 290 -10.59 -2.74 -0.44
CA TYR A 290 -11.62 -3.30 0.44
C TYR A 290 -12.92 -3.38 -0.37
N TYR A 291 -13.95 -4.04 0.17
CA TYR A 291 -15.30 -3.89 -0.41
C TYR A 291 -15.70 -2.42 -0.42
N PRO A 292 -16.61 -2.03 -1.32
CA PRO A 292 -17.05 -0.63 -1.29
C PRO A 292 -17.87 -0.30 -0.02
N ASP A 293 -17.20 0.22 1.01
CA ASP A 293 -17.80 0.49 2.32
C ASP A 293 -17.17 1.76 2.90
N MET A 294 -17.94 2.84 2.95
CA MET A 294 -17.44 4.14 3.42
C MET A 294 -16.95 4.18 4.88
N GLN A 295 -17.23 3.15 5.66
CA GLN A 295 -16.76 3.09 7.03
C GLN A 295 -15.23 3.08 7.15
N ILE A 296 -14.52 2.43 6.24
CA ILE A 296 -13.04 2.40 6.30
C ILE A 296 -12.45 3.80 6.12
N PRO A 297 -12.83 4.52 5.03
CA PRO A 297 -12.29 5.90 4.88
C PRO A 297 -12.62 6.83 6.03
N ILE A 298 -13.85 6.75 6.53
CA ILE A 298 -14.24 7.55 7.68
C ILE A 298 -13.43 7.16 8.91
N LEU A 299 -13.36 5.87 9.20
CA LEU A 299 -12.60 5.41 10.36
C LEU A 299 -11.14 5.85 10.30
N TYR A 300 -10.51 5.66 9.15
CA TYR A 300 -9.09 6.03 9.03
C TYR A 300 -8.89 7.52 9.30
N SER A 301 -9.81 8.36 8.83
CA SER A 301 -9.69 9.80 9.08
C SER A 301 -9.70 10.12 10.58
N LEU A 302 -10.40 9.30 11.37
CA LEU A 302 -10.46 9.46 12.83
C LEU A 302 -9.35 8.74 13.63
N THR A 303 -8.73 7.71 13.05
CA THR A 303 -7.67 6.97 13.75
C THR A 303 -6.27 7.35 13.30
N TRP A 304 -6.13 7.85 12.07
CA TRP A 304 -4.83 8.31 11.54
C TRP A 304 -4.05 9.07 12.62
N PRO A 305 -2.75 8.77 12.81
CA PRO A 305 -1.89 7.84 12.06
C PRO A 305 -1.92 6.36 12.50
N ASP A 306 -2.87 5.98 13.35
N ASP A 306 -2.86 6.00 13.36
CA ASP A 306 -3.01 4.61 13.83
CA ASP A 306 -3.03 4.61 13.81
C ASP A 306 -4.20 3.93 13.12
C ASP A 306 -4.19 3.92 13.09
N ARG A 307 -4.32 2.63 13.34
CA ARG A 307 -5.51 1.86 12.95
C ARG A 307 -6.03 1.15 14.20
N ILE A 308 -7.33 0.90 14.23
CA ILE A 308 -7.95 0.16 15.34
C ILE A 308 -8.71 -1.05 14.82
N LYS A 309 -9.07 -1.95 15.73
CA LYS A 309 -9.81 -3.15 15.36
C LYS A 309 -11.23 -2.81 14.93
N THR A 310 -11.69 -3.50 13.88
CA THR A 310 -13.09 -3.50 13.53
C THR A 310 -13.58 -4.94 13.43
N ASN A 311 -14.89 -5.08 13.34
CA ASN A 311 -15.51 -6.37 13.05
C ASN A 311 -16.06 -6.41 11.62
N LEU A 312 -15.49 -5.60 10.72
CA LEU A 312 -15.92 -5.62 9.32
C LEU A 312 -15.53 -6.95 8.67
N LYS A 313 -16.32 -7.36 7.68
CA LYS A 313 -16.11 -8.61 6.96
C LYS A 313 -14.73 -8.56 6.26
N PRO A 314 -13.89 -9.60 6.46
CA PRO A 314 -12.61 -9.57 5.74
C PRO A 314 -12.76 -9.76 4.23
N LEU A 315 -11.95 -9.03 3.48
CA LEU A 315 -11.90 -9.17 2.02
C LEU A 315 -11.50 -10.58 1.59
N ASP A 316 -12.34 -11.19 0.77
CA ASP A 316 -12.10 -12.53 0.26
C ASP A 316 -11.68 -12.42 -1.22
N LEU A 317 -10.37 -12.24 -1.45
CA LEU A 317 -9.85 -12.05 -2.81
C LEU A 317 -10.12 -13.19 -3.77
N ALA A 318 -10.01 -14.44 -3.30
CA ALA A 318 -10.35 -15.59 -4.14
C ALA A 318 -11.81 -15.55 -4.59
N GLN A 319 -12.71 -15.17 -3.69
CA GLN A 319 -14.12 -15.00 -4.05
C GLN A 319 -14.32 -13.84 -5.02
N VAL A 320 -13.65 -12.72 -4.76
CA VAL A 320 -13.70 -11.57 -5.67
C VAL A 320 -13.25 -12.03 -7.06
N SER A 321 -12.13 -12.77 -7.08
CA SER A 321 -11.67 -13.52 -8.25
C SER A 321 -11.01 -12.71 -9.38
N THR A 322 -11.67 -11.65 -9.83
CA THR A 322 -11.21 -10.86 -10.96
C THR A 322 -11.31 -9.37 -10.67
N LEU A 323 -10.26 -8.63 -11.02
CA LEU A 323 -10.23 -7.17 -10.97
C LEU A 323 -9.88 -6.66 -12.35
N THR A 324 -10.58 -5.63 -12.84
CA THR A 324 -10.40 -5.14 -14.21
C THR A 324 -10.13 -3.64 -14.24
N PHE A 325 -9.40 -3.21 -15.26
CA PHE A 325 -8.99 -1.81 -15.42
C PHE A 325 -9.02 -1.41 -16.88
N HIS A 326 -9.60 -0.24 -17.17
CA HIS A 326 -9.52 0.33 -18.51
C HIS A 326 -9.51 1.85 -18.46
N LYS A 327 -9.04 2.45 -19.55
CA LYS A 327 -8.99 3.90 -19.69
C LYS A 327 -10.39 4.40 -20.02
N PRO A 328 -10.85 5.49 -19.35
CA PRO A 328 -12.12 6.10 -19.75
C PRO A 328 -11.99 6.84 -21.07
N SER A 329 -13.06 6.86 -21.87
CA SER A 329 -13.05 7.60 -23.12
C SER A 329 -13.45 9.04 -22.85
N LEU A 330 -12.56 9.96 -23.18
CA LEU A 330 -12.81 11.40 -23.00
C LEU A 330 -13.81 11.97 -24.01
N GLU A 331 -14.01 11.27 -25.13
CA GLU A 331 -15.06 11.65 -26.08
C GLU A 331 -16.44 11.37 -25.47
N HIS A 332 -16.56 10.25 -24.78
CA HIS A 332 -17.81 9.79 -24.18
C HIS A 332 -18.06 10.47 -22.82
N PHE A 333 -16.98 10.83 -22.13
CA PHE A 333 -17.05 11.47 -20.81
C PHE A 333 -16.25 12.77 -20.83
N PRO A 334 -16.71 13.74 -21.65
CA PRO A 334 -16.00 15.02 -21.81
C PRO A 334 -15.87 15.85 -20.53
N CYS A 335 -16.73 15.63 -19.55
CA CYS A 335 -16.58 16.29 -18.23
C CYS A 335 -15.20 16.03 -17.62
N ILE A 336 -14.63 14.84 -17.85
CA ILE A 336 -13.28 14.56 -17.34
C ILE A 336 -12.26 15.51 -17.99
N LYS A 337 -12.32 15.64 -19.30
CA LYS A 337 -11.42 16.54 -20.03
C LYS A 337 -11.57 17.98 -19.54
N LEU A 338 -12.81 18.44 -19.34
CA LEU A 338 -13.06 19.81 -18.88
C LEU A 338 -12.47 20.05 -17.49
N ALA A 339 -12.54 19.05 -16.61
CA ALA A 339 -11.95 19.14 -15.27
C ALA A 339 -10.43 19.29 -15.33
N TYR A 340 -9.78 18.47 -16.15
CA TYR A 340 -8.33 18.60 -16.34
C TYR A 340 -7.97 19.98 -16.90
N GLN A 341 -8.72 20.43 -17.90
CA GLN A 341 -8.45 21.73 -18.52
C GLN A 341 -8.57 22.85 -17.50
N ALA A 342 -9.65 22.82 -16.70
CA ALA A 342 -9.86 23.83 -15.66
C ALA A 342 -8.77 23.79 -14.61
N GLY A 343 -8.41 22.58 -14.17
CA GLY A 343 -7.34 22.41 -13.19
C GLY A 343 -5.99 22.92 -13.69
N ILE A 344 -5.66 22.55 -14.92
CA ILE A 344 -4.40 22.96 -15.52
C ILE A 344 -4.36 24.49 -15.74
N LYS A 345 -5.49 25.08 -16.12
CA LYS A 345 -5.58 26.55 -16.22
C LYS A 345 -5.36 27.22 -14.87
N GLY A 346 -5.81 26.57 -13.80
CA GLY A 346 -5.57 27.04 -12.46
C GLY A 346 -6.41 28.27 -12.14
N ASN A 347 -5.86 29.19 -11.34
CA ASN A 347 -6.59 30.39 -10.95
C ASN A 347 -7.94 29.96 -10.34
N PHE A 348 -9.05 30.59 -10.71
CA PHE A 348 -10.39 30.23 -10.21
C PHE A 348 -11.18 29.37 -11.19
N TYR A 349 -10.52 28.83 -12.22
CA TYR A 349 -11.23 27.95 -13.15
C TYR A 349 -11.89 26.74 -12.45
N PRO A 350 -11.22 26.13 -11.46
CA PRO A 350 -11.92 25.05 -10.73
C PRO A 350 -13.20 25.51 -10.01
N THR A 351 -13.20 26.71 -9.44
CA THR A 351 -14.42 27.31 -8.87
C THR A 351 -15.53 27.40 -9.92
N VAL A 352 -15.15 27.85 -11.11
CA VAL A 352 -16.08 28.02 -12.22
C VAL A 352 -16.62 26.67 -12.71
N LEU A 353 -15.72 25.69 -12.82
CA LEU A 353 -16.11 24.31 -13.17
C LEU A 353 -17.15 23.76 -12.21
N ASN A 354 -16.85 23.85 -10.92
CA ASN A 354 -17.75 23.37 -9.90
C ASN A 354 -19.14 24.05 -9.92
N ALA A 355 -19.14 25.38 -9.99
CA ALA A 355 -20.36 26.16 -10.00
C ALA A 355 -21.23 25.87 -11.24
N SER A 356 -20.62 25.85 -12.42
CA SER A 356 -21.37 25.58 -13.66
C SER A 356 -21.89 24.14 -13.68
N ASN A 357 -21.09 23.21 -13.17
CA ASN A 357 -21.56 21.84 -13.02
C ASN A 357 -22.76 21.72 -12.08
N GLU A 358 -22.77 22.48 -10.98
CA GLU A 358 -23.91 22.49 -10.08
C GLU A 358 -25.22 22.79 -10.82
N ILE A 359 -25.18 23.82 -11.65
CA ILE A 359 -26.35 24.19 -12.48
C ILE A 359 -26.66 23.12 -13.54
N ALA A 360 -25.65 22.71 -14.30
CA ALA A 360 -25.86 21.74 -15.39
C ALA A 360 -26.36 20.38 -14.89
N ASN A 361 -25.77 19.92 -13.78
CA ASN A 361 -26.18 18.68 -13.11
C ASN A 361 -27.68 18.75 -12.77
N ASN A 362 -28.07 19.84 -12.12
CA ASN A 362 -29.45 20.01 -11.69
C ASN A 362 -30.43 20.12 -12.87
N LEU A 363 -30.02 20.81 -13.94
CA LEU A 363 -30.82 20.90 -15.17
C LEU A 363 -31.06 19.52 -15.78
N PHE A 364 -30.01 18.70 -15.85
CA PHE A 364 -30.13 17.34 -16.37
C PHE A 364 -30.97 16.45 -15.45
N LEU A 365 -30.78 16.59 -14.14
CA LEU A 365 -31.58 15.87 -13.14
C LEU A 365 -33.09 16.10 -13.35
N ASN A 366 -33.48 17.34 -13.64
CA ASN A 366 -34.89 17.72 -13.86
C ASN A 366 -35.33 17.67 -15.34
N ASN A 367 -34.60 16.93 -16.18
CA ASN A 367 -34.95 16.68 -17.59
C ASN A 367 -35.07 17.94 -18.43
N LYS A 368 -34.27 18.97 -18.11
CA LYS A 368 -34.28 20.25 -18.83
C LYS A 368 -33.24 20.30 -19.95
N ILE A 369 -32.18 19.49 -19.84
CA ILE A 369 -31.15 19.40 -20.87
C ILE A 369 -30.75 17.94 -21.07
N LYS A 370 -30.00 17.70 -22.14
CA LYS A 370 -29.52 16.37 -22.51
C LYS A 370 -28.09 16.14 -21.98
N TYR A 371 -27.61 14.90 -22.09
CA TYR A 371 -26.29 14.52 -21.54
C TYR A 371 -25.14 15.42 -21.99
N PHE A 372 -24.97 15.61 -23.30
CA PHE A 372 -23.85 16.41 -23.82
C PHE A 372 -24.05 17.91 -23.63
N ASP A 373 -25.27 18.32 -23.31
CA ASP A 373 -25.53 19.70 -22.91
C ASP A 373 -24.86 20.04 -21.57
N ILE A 374 -24.65 19.04 -20.72
CA ILE A 374 -23.99 19.28 -19.43
C ILE A 374 -22.58 19.82 -19.68
N SER A 375 -21.79 19.06 -20.42
CA SER A 375 -20.45 19.44 -20.81
C SER A 375 -20.43 20.69 -21.70
N SER A 376 -21.43 20.83 -22.57
CA SER A 376 -21.52 22.02 -23.41
C SER A 376 -21.64 23.29 -22.56
N ILE A 377 -22.55 23.28 -21.61
CA ILE A 377 -22.77 24.45 -20.74
C ILE A 377 -21.52 24.74 -19.93
N ILE A 378 -20.95 23.71 -19.32
CA ILE A 378 -19.75 23.90 -18.51
C ILE A 378 -18.61 24.47 -19.36
N SER A 379 -18.41 23.90 -20.55
CA SER A 379 -17.39 24.38 -21.46
C SER A 379 -17.57 25.87 -21.81
N GLN A 380 -18.79 26.26 -22.11
CA GLN A 380 -19.06 27.66 -22.47
C GLN A 380 -18.81 28.62 -21.30
N VAL A 381 -19.15 28.20 -20.08
CA VAL A 381 -18.91 29.03 -18.90
C VAL A 381 -17.41 29.16 -18.68
N LEU A 382 -16.66 28.05 -18.78
CA LEU A 382 -15.22 28.10 -18.66
C LEU A 382 -14.58 29.02 -19.71
N GLU A 383 -15.06 28.94 -20.94
CA GLU A 383 -14.55 29.81 -22.03
C GLU A 383 -14.83 31.30 -21.79
N SER A 384 -15.88 31.60 -21.05
CA SER A 384 -16.25 32.98 -20.74
C SER A 384 -15.50 33.56 -19.54
N PHE A 385 -14.93 32.73 -18.69
CA PHE A 385 -14.24 33.23 -17.50
C PHE A 385 -12.85 33.78 -17.86
N ASN A 386 -12.48 34.88 -17.22
CA ASN A 386 -11.17 35.49 -17.35
C ASN A 386 -10.47 35.38 -16.00
N SER A 387 -9.21 34.96 -16.00
CA SER A 387 -8.42 34.87 -14.77
C SER A 387 -8.45 36.18 -13.99
N GLN A 388 -8.55 36.08 -12.67
CA GLN A 388 -8.55 37.24 -11.77
C GLN A 388 -7.31 37.21 -10.90
N LYS A 389 -6.81 38.39 -10.54
CA LYS A 389 -5.73 38.48 -9.58
C LYS A 389 -6.23 37.94 -8.24
N VAL A 390 -5.46 37.01 -7.68
CA VAL A 390 -5.86 36.32 -6.46
C VAL A 390 -5.58 37.23 -5.29
N SER A 391 -6.63 37.56 -4.51
CA SER A 391 -6.49 38.40 -3.33
C SER A 391 -5.49 37.79 -2.34
N GLU A 392 -4.61 38.65 -1.81
CA GLU A 392 -3.69 38.25 -0.75
C GLU A 392 -4.37 38.24 0.62
N ASN A 393 -5.44 39.02 0.77
CA ASN A 393 -6.20 39.11 2.02
C ASN A 393 -7.15 37.92 2.08
N SER A 394 -7.12 37.19 3.20
CA SER A 394 -7.91 35.96 3.37
C SER A 394 -9.43 36.20 3.25
N GLU A 395 -9.90 37.29 3.85
CA GLU A 395 -11.32 37.68 3.76
C GLU A 395 -11.73 38.09 2.35
N ASP A 396 -10.86 38.80 1.63
CA ASP A 396 -11.14 39.21 0.26
C ASP A 396 -11.13 37.97 -0.65
N LEU A 397 -10.27 37.00 -0.34
CA LEU A 397 -10.17 35.78 -1.14
C LEU A 397 -11.46 34.96 -1.06
N MET A 398 -11.98 34.79 0.15
N MET A 398 -11.99 34.78 0.15
CA MET A 398 -13.25 34.08 0.34
CA MET A 398 -13.25 34.07 0.33
C MET A 398 -14.38 34.77 -0.40
C MET A 398 -14.40 34.77 -0.40
N LYS A 399 -14.46 36.10 -0.29
CA LYS A 399 -15.47 36.88 -1.04
C LYS A 399 -15.32 36.74 -2.56
N GLN A 400 -14.06 36.66 -3.01
CA GLN A 400 -13.75 36.49 -4.41
C GLN A 400 -14.24 35.12 -4.89
N ILE A 401 -14.00 34.08 -4.10
CA ILE A 401 -14.49 32.74 -4.43
C ILE A 401 -16.02 32.72 -4.55
N LEU A 402 -16.70 33.32 -3.58
CA LEU A 402 -18.16 33.36 -3.59
C LEU A 402 -18.71 34.15 -4.78
N GLN A 403 -18.07 35.27 -5.11
CA GLN A 403 -18.49 36.09 -6.25
C GLN A 403 -18.35 35.31 -7.55
N ILE A 404 -17.22 34.62 -7.72
CA ILE A 404 -16.96 33.86 -8.94
C ILE A 404 -17.93 32.68 -9.05
N HIS A 405 -18.17 32.01 -7.92
CA HIS A 405 -19.15 30.92 -7.84
C HIS A 405 -20.52 31.41 -8.30
N SER A 406 -20.96 32.54 -7.74
N SER A 406 -20.97 32.54 -7.75
CA SER A 406 -22.23 33.17 -8.09
CA SER A 406 -22.25 33.13 -8.11
C SER A 406 -22.30 33.53 -9.57
C SER A 406 -22.31 33.53 -9.58
N TRP A 407 -21.24 34.16 -10.07
CA TRP A 407 -21.15 34.56 -11.49
C TRP A 407 -21.29 33.35 -12.42
N ALA A 408 -20.59 32.27 -12.07
CA ALA A 408 -20.56 31.05 -12.89
C ALA A 408 -21.91 30.35 -12.94
N LYS A 409 -22.61 30.30 -11.81
CA LYS A 409 -23.96 29.75 -11.76
C LYS A 409 -24.89 30.58 -12.63
N ASP A 410 -24.80 31.91 -12.51
CA ASP A 410 -25.61 32.82 -13.34
C ASP A 410 -25.32 32.65 -14.83
N LYS A 411 -24.05 32.50 -15.18
CA LYS A 411 -23.66 32.32 -16.57
C LYS A 411 -24.22 31.02 -17.14
N ALA A 412 -24.11 29.93 -16.39
CA ALA A 412 -24.66 28.64 -16.79
C ALA A 412 -26.17 28.75 -17.03
N THR A 413 -26.85 29.38 -16.07
CA THR A 413 -28.29 29.60 -16.16
C THR A 413 -28.67 30.44 -17.37
N ASP A 414 -27.89 31.50 -17.63
CA ASP A 414 -28.15 32.37 -18.79
C ASP A 414 -27.96 31.64 -20.12
N ILE A 415 -26.93 30.78 -20.21
CA ILE A 415 -26.72 29.95 -21.41
C ILE A 415 -27.92 29.03 -21.63
N TYR A 416 -28.38 28.37 -20.57
CA TYR A 416 -29.57 27.53 -20.63
C TYR A 416 -30.81 28.34 -21.09
N ASN A 417 -31.02 29.51 -20.48
CA ASN A 417 -32.15 30.37 -20.83
C ASN A 417 -32.14 30.87 -22.28
N LYS A 418 -30.96 31.15 -22.84
CA LYS A 418 -30.85 31.60 -24.23
C LYS A 418 -31.29 30.54 -25.25
N HIS A 419 -30.92 29.29 -25.00
CA HIS A 419 -31.27 28.19 -25.89
C HIS A 419 -32.64 27.56 -25.58
N ASN A 420 -33.25 27.96 -24.46
CA ASN A 420 -34.58 27.50 -24.07
C ASN A 420 -35.50 28.70 -23.85
N PRO B 11 25.41 9.15 1.25
CA PRO B 11 25.78 8.04 0.38
C PRO B 11 25.59 6.68 1.07
N ILE B 12 24.89 5.77 0.39
CA ILE B 12 24.61 4.44 0.94
C ILE B 12 25.73 3.47 0.56
N ASN B 13 26.48 3.04 1.55
CA ASN B 13 27.64 2.16 1.35
C ASN B 13 27.22 0.69 1.41
N VAL B 14 27.34 0.00 0.27
N VAL B 14 27.33 -0.03 0.28
CA VAL B 14 26.80 -1.36 0.08
CA VAL B 14 26.79 -1.38 0.18
C VAL B 14 27.89 -2.40 -0.18
C VAL B 14 27.81 -2.43 -0.25
N ALA B 15 27.73 -3.60 0.38
CA ALA B 15 28.49 -4.79 -0.02
C ALA B 15 27.52 -5.76 -0.68
N ILE B 16 27.95 -6.38 -1.79
CA ILE B 16 27.15 -7.42 -2.45
C ILE B 16 27.86 -8.76 -2.30
N PHE B 17 27.23 -9.67 -1.57
CA PHE B 17 27.75 -11.03 -1.43
C PHE B 17 27.06 -11.94 -2.45
N GLY B 18 27.85 -12.54 -3.33
CA GLY B 18 27.34 -13.32 -4.45
C GLY B 18 26.98 -12.41 -5.60
N SER B 19 27.93 -11.57 -5.99
CA SER B 19 27.65 -10.48 -6.93
C SER B 19 27.44 -10.91 -8.38
N THR B 20 27.77 -12.15 -8.72
CA THR B 20 27.54 -12.65 -10.09
C THR B 20 26.31 -13.54 -10.24
N GLY B 21 25.62 -13.83 -9.15
CA GLY B 21 24.34 -14.54 -9.21
C GLY B 21 23.20 -13.62 -9.61
N SER B 22 21.99 -14.16 -9.60
CA SER B 22 20.82 -13.40 -10.04
C SER B 22 20.56 -12.16 -9.18
N ILE B 23 20.55 -12.34 -7.86
CA ILE B 23 20.28 -11.22 -6.94
C ILE B 23 21.39 -10.17 -7.09
N GLY B 24 22.63 -10.64 -7.10
CA GLY B 24 23.80 -9.76 -7.21
C GLY B 24 23.82 -8.91 -8.47
N THR B 25 23.58 -9.52 -9.62
N THR B 25 23.58 -9.54 -9.62
CA THR B 25 23.62 -8.79 -10.89
CA THR B 25 23.57 -8.86 -10.91
C THR B 25 22.45 -7.80 -11.02
C THR B 25 22.47 -7.81 -10.99
N ASN B 26 21.27 -8.19 -10.53
CA ASN B 26 20.12 -7.27 -10.47
C ASN B 26 20.36 -6.11 -9.49
N ALA B 27 21.04 -6.40 -8.38
CA ALA B 27 21.42 -5.34 -7.43
C ALA B 27 22.35 -4.34 -8.09
N LEU B 28 23.38 -4.83 -8.78
CA LEU B 28 24.33 -3.95 -9.45
C LEU B 28 23.66 -3.19 -10.60
N ASN B 29 22.72 -3.82 -11.31
CA ASN B 29 22.00 -3.14 -12.40
CA ASN B 29 22.03 -3.12 -12.40
C ASN B 29 21.20 -1.94 -11.89
N ILE B 30 20.43 -2.13 -10.83
CA ILE B 30 19.58 -1.06 -10.31
C ILE B 30 20.44 0.02 -9.62
N ILE B 31 21.52 -0.38 -8.94
CA ILE B 31 22.49 0.58 -8.39
C ILE B 31 23.07 1.45 -9.51
N ARG B 32 23.50 0.81 -10.60
CA ARG B 32 24.02 1.54 -11.75
C ARG B 32 23.00 2.54 -12.26
N GLU B 33 21.79 2.08 -12.51
CA GLU B 33 20.77 2.94 -13.14
C GLU B 33 20.36 4.09 -12.21
N CYS B 34 20.19 3.78 -10.92
CA CYS B 34 19.86 4.83 -9.94
C CYS B 34 20.97 5.86 -9.80
N ASN B 35 22.23 5.41 -9.80
CA ASN B 35 23.37 6.31 -9.68
C ASN B 35 23.52 7.27 -10.87
N LYS B 36 23.05 6.85 -12.04
CA LYS B 36 22.97 7.76 -13.20
C LYS B 36 22.04 8.95 -12.98
N ILE B 37 21.00 8.75 -12.16
CA ILE B 37 20.03 9.81 -11.84
C ILE B 37 20.58 10.71 -10.74
N GLU B 38 21.09 10.09 -9.67
CA GLU B 38 21.69 10.79 -8.55
C GLU B 38 22.69 9.86 -7.88
N ASN B 39 23.88 10.36 -7.55
CA ASN B 39 24.88 9.53 -6.89
C ASN B 39 24.44 9.20 -5.45
N VAL B 40 23.88 8.01 -5.29
CA VAL B 40 23.29 7.57 -4.01
C VAL B 40 24.13 6.45 -3.37
N PHE B 41 24.64 5.53 -4.19
CA PHE B 41 25.28 4.31 -3.70
C PHE B 41 26.79 4.29 -3.95
N ASN B 42 27.54 3.86 -2.94
CA ASN B 42 28.93 3.44 -3.13
C ASN B 42 28.94 1.94 -2.98
N VAL B 43 29.36 1.23 -4.02
CA VAL B 43 29.55 -0.21 -3.92
C VAL B 43 30.92 -0.43 -3.30
N LYS B 44 30.93 -0.79 -2.02
CA LYS B 44 32.16 -0.88 -1.24
C LYS B 44 32.86 -2.23 -1.30
N ALA B 45 32.11 -3.28 -1.63
CA ALA B 45 32.65 -4.63 -1.57
C ALA B 45 31.87 -5.58 -2.47
N LEU B 46 32.59 -6.47 -3.15
CA LEU B 46 32.01 -7.51 -3.97
C LEU B 46 32.64 -8.85 -3.60
N TYR B 47 31.80 -9.86 -3.44
CA TYR B 47 32.21 -11.20 -3.01
C TYR B 47 31.61 -12.22 -3.97
N VAL B 48 32.46 -13.09 -4.52
CA VAL B 48 32.01 -14.20 -5.37
C VAL B 48 32.68 -15.50 -4.92
N ASN B 49 32.17 -16.63 -5.42
CA ASN B 49 32.75 -17.93 -5.10
C ASN B 49 34.02 -18.17 -5.93
N LYS B 50 33.87 -18.27 -7.25
CA LYS B 50 35.01 -18.55 -8.14
C LYS B 50 35.02 -17.84 -9.51
N SER B 51 34.02 -16.99 -9.76
CA SER B 51 33.85 -16.35 -11.08
CA SER B 51 33.85 -16.35 -11.08
C SER B 51 34.75 -15.12 -11.19
N VAL B 52 36.05 -15.39 -11.31
CA VAL B 52 37.10 -14.36 -11.23
C VAL B 52 37.06 -13.33 -12.37
N ASN B 53 36.77 -13.76 -13.59
CA ASN B 53 36.71 -12.84 -14.73
C ASN B 53 35.51 -11.90 -14.62
N GLU B 54 34.37 -12.46 -14.21
CA GLU B 54 33.15 -11.69 -14.00
C GLU B 54 33.35 -10.69 -12.86
N LEU B 55 34.00 -11.11 -11.77
CA LEU B 55 34.31 -10.19 -10.66
C LEU B 55 35.23 -9.06 -11.10
N TYR B 56 36.24 -9.39 -11.92
CA TYR B 56 37.12 -8.38 -12.49
C TYR B 56 36.36 -7.32 -13.29
N GLU B 57 35.44 -7.76 -14.14
CA GLU B 57 34.64 -6.85 -14.95
C GLU B 57 33.77 -5.94 -14.09
N GLN B 58 33.22 -6.48 -13.01
CA GLN B 58 32.45 -5.66 -12.07
C GLN B 58 33.34 -4.68 -11.31
N ALA B 59 34.52 -5.14 -10.92
CA ALA B 59 35.49 -4.30 -10.25
C ALA B 59 35.90 -3.12 -11.13
N ARG B 60 36.12 -3.37 -12.42
CA ARG B 60 36.48 -2.31 -13.38
C ARG B 60 35.43 -1.20 -13.42
N GLU B 61 34.16 -1.55 -13.33
CA GLU B 61 33.09 -0.55 -13.33
C GLU B 61 32.86 0.09 -11.97
N PHE B 62 32.71 -0.71 -10.93
CA PHE B 62 32.26 -0.21 -9.63
C PHE B 62 33.37 0.22 -8.68
N LEU B 63 34.59 -0.25 -8.92
CA LEU B 63 35.78 0.12 -8.13
C LEU B 63 35.56 0.02 -6.61
N PRO B 64 35.07 -1.15 -6.15
CA PRO B 64 34.87 -1.30 -4.70
C PRO B 64 36.18 -1.29 -3.92
N GLU B 65 36.11 -0.81 -2.69
CA GLU B 65 37.25 -0.85 -1.75
C GLU B 65 37.74 -2.28 -1.51
N TYR B 66 36.79 -3.22 -1.40
CA TYR B 66 37.08 -4.63 -1.15
C TYR B 66 36.67 -5.53 -2.29
N LEU B 67 37.52 -6.51 -2.60
CA LEU B 67 37.14 -7.64 -3.44
C LEU B 67 37.40 -8.92 -2.66
N CYS B 68 36.50 -9.88 -2.75
CA CYS B 68 36.70 -11.15 -2.09
C CYS B 68 36.28 -12.30 -2.99
N ILE B 69 37.12 -13.32 -3.06
CA ILE B 69 36.82 -14.50 -3.84
C ILE B 69 36.95 -15.69 -2.89
N HIS B 70 35.94 -16.55 -2.86
CA HIS B 70 35.91 -17.65 -1.92
C HIS B 70 36.98 -18.70 -2.24
N ASP B 71 37.11 -19.02 -3.53
CA ASP B 71 37.98 -20.08 -4.02
C ASP B 71 39.44 -19.60 -4.05
N LYS B 72 40.26 -20.13 -3.14
CA LYS B 72 41.69 -19.77 -3.03
C LYS B 72 42.46 -19.96 -4.33
N SER B 73 42.05 -20.93 -5.16
CA SER B 73 42.76 -21.27 -6.39
C SER B 73 42.71 -20.19 -7.48
N VAL B 74 41.80 -19.23 -7.38
CA VAL B 74 41.76 -18.10 -8.33
C VAL B 74 42.13 -16.75 -7.69
N TYR B 75 42.63 -16.79 -6.46
CA TYR B 75 42.99 -15.57 -5.72
C TYR B 75 44.13 -14.81 -6.41
N GLU B 76 45.17 -15.53 -6.81
CA GLU B 76 46.30 -14.90 -7.50
C GLU B 76 45.91 -14.37 -8.87
N GLU B 77 45.06 -15.10 -9.60
CA GLU B 77 44.54 -14.63 -10.89
C GLU B 77 43.78 -13.30 -10.74
N LEU B 78 42.98 -13.19 -9.69
CA LEU B 78 42.24 -11.95 -9.39
C LEU B 78 43.20 -10.79 -9.15
N LYS B 79 44.22 -11.02 -8.32
CA LYS B 79 45.21 -9.99 -8.05
C LYS B 79 45.89 -9.50 -9.33
N GLU B 80 46.25 -10.42 -10.22
CA GLU B 80 46.90 -10.04 -11.47
C GLU B 80 45.95 -9.31 -12.42
N LEU B 81 44.70 -9.76 -12.51
CA LEU B 81 43.71 -9.08 -13.36
C LEU B 81 43.47 -7.63 -12.94
N VAL B 82 43.35 -7.43 -11.63
CA VAL B 82 43.04 -6.11 -11.07
C VAL B 82 44.15 -5.08 -11.32
N LYS B 83 45.38 -5.53 -11.52
CA LYS B 83 46.48 -4.61 -11.92
C LYS B 83 46.22 -3.83 -13.21
N ASN B 84 45.37 -4.38 -14.10
CA ASN B 84 44.97 -3.70 -15.33
C ASN B 84 44.09 -2.46 -15.12
N ILE B 85 43.49 -2.31 -13.94
CA ILE B 85 42.55 -1.22 -13.67
C ILE B 85 43.31 0.01 -13.19
N LYS B 86 43.03 1.15 -13.84
CA LYS B 86 43.72 2.41 -13.58
C LYS B 86 43.36 3.01 -12.23
N ASP B 87 44.34 3.55 -11.51
CA ASP B 87 44.12 4.33 -10.29
C ASP B 87 43.23 3.57 -9.28
N TYR B 88 43.62 2.33 -8.95
CA TYR B 88 42.75 1.44 -8.19
C TYR B 88 43.59 0.48 -7.32
N LYS B 89 43.46 0.62 -6.01
CA LYS B 89 44.18 -0.19 -5.02
C LYS B 89 43.19 -0.83 -4.03
N PRO B 90 42.44 -1.85 -4.47
CA PRO B 90 41.49 -2.50 -3.56
C PRO B 90 42.15 -3.40 -2.53
N ILE B 91 41.41 -3.70 -1.48
CA ILE B 91 41.79 -4.73 -0.52
C ILE B 91 41.25 -6.05 -1.07
N ILE B 92 42.15 -6.95 -1.44
CA ILE B 92 41.79 -8.19 -2.12
C ILE B 92 41.90 -9.35 -1.15
N LEU B 93 40.77 -10.02 -0.92
CA LEU B 93 40.63 -11.00 0.16
C LEU B 93 40.14 -12.34 -0.36
N CYS B 94 40.23 -13.34 0.51
CA CYS B 94 39.91 -14.72 0.16
C CYS B 94 39.12 -15.41 1.27
N GLY B 95 38.12 -16.19 0.85
CA GLY B 95 37.43 -17.14 1.73
C GLY B 95 36.54 -16.55 2.83
N ASP B 96 36.19 -17.41 3.79
CA ASP B 96 35.39 -17.03 4.95
C ASP B 96 35.99 -15.86 5.74
N GLU B 97 37.31 -15.87 5.87
CA GLU B 97 38.03 -14.80 6.58
C GLU B 97 37.89 -13.45 5.85
N GLY B 98 37.91 -13.48 4.52
CA GLY B 98 37.66 -12.26 3.72
C GLY B 98 36.25 -11.74 3.91
N MET B 99 35.29 -12.66 3.92
CA MET B 99 33.89 -12.31 4.17
C MET B 99 33.72 -11.66 5.54
N LYS B 100 34.36 -12.24 6.56
CA LYS B 100 34.29 -11.70 7.91
C LYS B 100 34.87 -10.30 8.02
N GLU B 101 35.98 -10.06 7.32
CA GLU B 101 36.62 -8.74 7.32
C GLU B 101 35.74 -7.67 6.67
N ILE B 102 35.08 -8.03 5.57
CA ILE B 102 34.12 -7.12 4.92
C ILE B 102 32.96 -6.79 5.87
N CYS B 103 32.40 -7.80 6.55
CA CYS B 103 31.28 -7.56 7.49
C CYS B 103 31.67 -6.65 8.64
N SER B 104 32.93 -6.69 9.06
CA SER B 104 33.40 -5.87 10.19
C SER B 104 33.86 -4.45 9.82
N SER B 105 33.89 -4.12 8.54
CA SER B 105 34.32 -2.81 8.09
C SER B 105 33.37 -1.68 8.52
N ASN B 106 33.93 -0.60 9.06
CA ASN B 106 33.15 0.60 9.39
C ASN B 106 32.66 1.37 8.16
N SER B 107 33.22 1.08 6.98
CA SER B 107 32.81 1.75 5.75
C SER B 107 31.64 1.05 5.04
N ILE B 108 31.06 0.00 5.63
CA ILE B 108 29.92 -0.69 5.02
C ILE B 108 28.69 -0.58 5.91
N ASP B 109 27.60 -0.12 5.33
CA ASP B 109 26.34 0.09 6.03
C ASP B 109 25.40 -1.09 5.81
N LYS B 110 25.32 -1.57 4.57
CA LYS B 110 24.29 -2.52 4.15
C LYS B 110 24.92 -3.66 3.37
N ILE B 111 24.44 -4.87 3.60
CA ILE B 111 24.99 -6.06 2.93
C ILE B 111 23.85 -6.83 2.27
N VAL B 112 23.98 -7.03 0.96
CA VAL B 112 23.06 -7.86 0.17
C VAL B 112 23.59 -9.28 0.20
N ILE B 113 22.77 -10.19 0.72
CA ILE B 113 23.13 -11.61 0.79
C ILE B 113 22.46 -12.30 -0.38
N GLY B 114 23.25 -12.52 -1.45
CA GLY B 114 22.77 -13.19 -2.66
C GLY B 114 23.40 -14.55 -2.84
N ILE B 115 23.74 -15.21 -1.74
CA ILE B 115 24.33 -16.55 -1.77
C ILE B 115 23.27 -17.53 -1.28
N ASP B 116 23.24 -18.71 -1.92
CA ASP B 116 22.40 -19.85 -1.49
C ASP B 116 23.16 -20.67 -0.44
N SER B 117 22.67 -21.88 -0.13
CA SER B 117 23.42 -22.87 0.66
C SER B 117 23.76 -22.42 2.11
N PHE B 118 24.93 -22.79 2.63
CA PHE B 118 25.34 -22.47 4.00
C PHE B 118 26.07 -21.13 4.07
N GLN B 119 26.97 -20.88 3.11
CA GLN B 119 27.74 -19.61 3.04
C GLN B 119 26.85 -18.38 3.10
N GLY B 120 25.61 -18.52 2.61
CA GLY B 120 24.55 -17.56 2.83
C GLY B 120 24.23 -17.35 4.30
N LEU B 121 23.87 -18.42 5.00
CA LEU B 121 23.58 -18.31 6.45
C LEU B 121 24.82 -17.84 7.21
N TYR B 122 25.98 -18.36 6.81
CA TYR B 122 27.24 -18.01 7.43
C TYR B 122 27.58 -16.51 7.32
N SER B 123 27.44 -15.95 6.11
CA SER B 123 27.65 -14.52 5.92
C SER B 123 26.56 -13.66 6.57
N THR B 124 25.32 -14.14 6.55
CA THR B 124 24.22 -13.49 7.26
C THR B 124 24.52 -13.34 8.74
N MET B 125 25.00 -14.42 9.35
CA MET B 125 25.39 -14.39 10.76
C MET B 125 26.44 -13.32 11.05
N TYR B 126 27.51 -13.29 10.26
CA TYR B 126 28.57 -12.31 10.48
C TYR B 126 28.13 -10.86 10.23
N ALA B 127 27.26 -10.65 9.25
CA ALA B 127 26.67 -9.34 9.03
C ALA B 127 25.85 -8.87 10.24
N ILE B 128 25.04 -9.76 10.79
CA ILE B 128 24.25 -9.46 11.99
C ILE B 128 25.16 -9.18 13.19
N MET B 129 26.18 -10.02 13.38
CA MET B 129 27.12 -9.82 14.49
C MET B 129 27.83 -8.47 14.45
N ASN B 130 27.96 -7.89 13.25
CA ASN B 130 28.52 -6.55 13.07
C ASN B 130 27.47 -5.42 12.93
N ASN B 131 26.24 -5.71 13.36
CA ASN B 131 25.19 -4.71 13.45
C ASN B 131 24.88 -4.00 12.15
N LYS B 132 24.95 -4.74 11.04
CA LYS B 132 24.66 -4.17 9.74
C LYS B 132 23.19 -4.34 9.39
N ILE B 133 22.77 -3.59 8.38
CA ILE B 133 21.51 -3.85 7.70
C ILE B 133 21.79 -4.93 6.68
N VAL B 134 21.00 -6.00 6.72
CA VAL B 134 21.23 -7.20 5.93
C VAL B 134 20.04 -7.40 5.01
N ALA B 135 20.27 -7.21 3.70
CA ALA B 135 19.25 -7.39 2.69
C ALA B 135 19.28 -8.86 2.31
N LEU B 136 18.33 -9.63 2.84
CA LEU B 136 18.39 -11.09 2.80
C LEU B 136 17.42 -11.65 1.77
N ALA B 137 17.97 -12.30 0.75
CA ALA B 137 17.19 -12.97 -0.30
C ALA B 137 17.05 -14.49 -0.06
N ASN B 138 17.92 -15.06 0.77
CA ASN B 138 17.96 -16.50 0.99
C ASN B 138 16.87 -16.97 1.96
N LYS B 139 15.74 -17.41 1.40
CA LYS B 139 14.60 -17.87 2.21
C LYS B 139 14.85 -19.16 2.96
N GLU B 140 15.65 -20.05 2.38
CA GLU B 140 16.03 -21.30 3.06
C GLU B 140 16.70 -21.05 4.43
N SER B 141 17.54 -20.01 4.51
N SER B 141 17.53 -20.00 4.52
CA SER B 141 18.20 -19.61 5.76
CA SER B 141 18.21 -19.66 5.78
C SER B 141 17.24 -19.22 6.87
C SER B 141 17.25 -19.20 6.89
N ILE B 142 16.20 -18.47 6.50
CA ILE B 142 15.16 -18.04 7.44
C ILE B 142 14.30 -19.23 7.90
N VAL B 143 13.92 -20.09 6.95
CA VAL B 143 13.11 -21.27 7.24
C VAL B 143 13.87 -22.23 8.12
N SER B 144 15.13 -22.50 7.76
CA SER B 144 15.93 -23.49 8.49
C SER B 144 16.49 -22.99 9.81
N ALA B 145 16.89 -21.72 9.85
CA ALA B 145 17.60 -21.20 11.02
C ALA B 145 16.92 -19.98 11.62
N GLY B 146 15.61 -19.85 11.42
CA GLY B 146 14.81 -18.75 11.96
C GLY B 146 15.02 -18.49 13.45
N PHE B 147 15.02 -19.56 14.26
CA PHE B 147 15.32 -19.49 15.72
C PHE B 147 16.65 -18.83 16.01
N PHE B 148 17.66 -19.27 15.30
CA PHE B 148 19.00 -18.77 15.45
C PHE B 148 19.07 -17.30 15.05
N LEU B 149 18.47 -16.96 13.91
CA LEU B 149 18.45 -15.56 13.46
C LEU B 149 17.75 -14.65 14.47
N LYS B 150 16.60 -15.09 15.00
CA LYS B 150 15.89 -14.32 16.03
C LYS B 150 16.76 -14.09 17.26
N LYS B 151 17.44 -15.14 17.70
CA LYS B 151 18.32 -15.06 18.88
C LYS B 151 19.45 -14.08 18.63
N LEU B 152 20.08 -14.20 17.47
CA LEU B 152 21.19 -13.34 17.09
C LEU B 152 20.75 -11.87 17.01
N LEU B 153 19.60 -11.61 16.40
CA LEU B 153 19.05 -10.25 16.31
C LEU B 153 18.67 -9.66 17.66
N ASN B 154 18.37 -10.52 18.63
CA ASN B 154 18.08 -10.05 19.98
C ASN B 154 19.37 -9.70 20.73
N ILE B 155 20.48 -10.34 20.39
CA ILE B 155 21.80 -9.98 20.93
C ILE B 155 22.34 -8.71 20.28
N HIS B 156 22.33 -8.71 18.94
CA HIS B 156 22.89 -7.62 18.15
C HIS B 156 21.77 -6.68 17.76
N LYS B 157 21.44 -5.81 18.70
CA LYS B 157 20.17 -5.08 18.62
C LYS B 157 20.06 -4.05 17.51
N ASN B 158 21.19 -3.58 16.98
CA ASN B 158 21.16 -2.62 15.88
C ASN B 158 21.19 -3.28 14.50
N ALA B 159 21.41 -4.59 14.44
CA ALA B 159 21.31 -5.31 13.16
C ALA B 159 19.85 -5.39 12.74
N LYS B 160 19.61 -5.38 11.43
CA LYS B 160 18.26 -5.51 10.90
C LYS B 160 18.32 -6.37 9.66
N ILE B 161 17.36 -7.28 9.54
CA ILE B 161 17.15 -8.05 8.30
C ILE B 161 16.04 -7.32 7.56
N ILE B 162 16.31 -6.98 6.30
CA ILE B 162 15.31 -6.40 5.41
C ILE B 162 15.05 -7.42 4.32
N PRO B 163 13.78 -7.84 4.13
CA PRO B 163 13.52 -8.90 3.15
C PRO B 163 13.64 -8.44 1.70
N VAL B 164 14.23 -9.31 0.90
CA VAL B 164 14.40 -9.12 -0.53
C VAL B 164 13.51 -10.07 -1.35
N ASP B 165 13.13 -11.22 -0.79
CA ASP B 165 12.17 -12.15 -1.45
C ASP B 165 10.96 -11.30 -1.84
N SER B 166 10.53 -11.37 -3.09
CA SER B 166 9.64 -10.33 -3.65
C SER B 166 8.32 -10.14 -2.90
N GLU B 167 7.75 -11.24 -2.42
CA GLU B 167 6.49 -11.23 -1.68
C GLU B 167 6.68 -10.59 -0.31
N HIS B 168 7.83 -10.85 0.28
CA HIS B 168 8.11 -10.38 1.63
C HIS B 168 8.53 -8.93 1.57
N SER B 169 9.19 -8.54 0.49
CA SER B 169 9.42 -7.12 0.22
C SER B 169 8.09 -6.39 0.05
N ALA B 170 7.19 -7.00 -0.74
CA ALA B 170 5.87 -6.42 -0.97
C ALA B 170 5.15 -6.16 0.38
N ILE B 171 5.11 -7.19 1.22
CA ILE B 171 4.54 -7.07 2.57
C ILE B 171 5.17 -5.89 3.33
N PHE B 172 6.50 -5.86 3.35
CA PHE B 172 7.24 -4.86 4.08
C PHE B 172 6.90 -3.45 3.56
N GLN B 173 6.81 -3.32 2.24
CA GLN B 173 6.43 -2.06 1.59
C GLN B 173 5.01 -1.59 1.90
N CYS B 174 4.12 -2.52 2.22
CA CYS B 174 2.73 -2.20 2.60
C CYS B 174 2.57 -1.71 4.04
N LEU B 175 3.65 -1.74 4.82
CA LEU B 175 3.62 -1.32 6.21
C LEU B 175 4.00 0.13 6.38
N ASP B 176 3.48 0.72 7.44
CA ASP B 176 3.72 2.12 7.80
C ASP B 176 5.07 2.19 8.51
N ASN B 177 6.05 2.89 7.93
CA ASN B 177 7.38 2.95 8.56
C ASN B 177 7.42 3.66 9.90
N ASN B 178 6.43 4.50 10.19
CA ASN B 178 6.28 5.08 11.53
C ASN B 178 6.08 3.96 12.58
N LYS B 179 5.50 2.83 12.16
CA LYS B 179 5.39 1.65 13.02
C LYS B 179 6.59 0.72 12.84
N VAL B 180 7.01 0.51 11.59
CA VAL B 180 8.13 -0.43 11.34
C VAL B 180 9.36 0.00 12.13
N LEU B 181 9.63 1.30 12.18
CA LEU B 181 10.81 1.83 12.87
C LEU B 181 10.84 1.62 14.39
N LYS B 182 9.70 1.24 14.98
CA LYS B 182 9.62 0.90 16.40
C LYS B 182 9.81 -0.60 16.69
N THR B 183 10.06 -1.38 15.64
CA THR B 183 10.29 -2.81 15.76
C THR B 183 11.31 -3.21 14.68
N LYS B 184 11.37 -4.49 14.31
CA LYS B 184 12.19 -4.93 13.16
C LYS B 184 11.79 -6.35 12.82
N CYS B 185 12.13 -6.78 11.61
CA CYS B 185 11.83 -8.14 11.21
C CYS B 185 12.49 -9.17 12.13
N LEU B 186 11.82 -10.31 12.28
CA LEU B 186 12.25 -11.39 13.18
C LEU B 186 12.28 -10.98 14.65
N GLN B 187 11.44 -10.02 15.03
CA GLN B 187 11.30 -9.62 16.41
C GLN B 187 9.90 -9.98 16.83
N ASP B 188 9.77 -10.49 18.05
CA ASP B 188 8.46 -10.76 18.63
C ASP B 188 7.63 -9.48 18.64
N ASN B 189 6.34 -9.64 18.35
CA ASN B 189 5.35 -8.55 18.34
C ASN B 189 5.41 -7.62 17.14
N PHE B 190 6.14 -7.99 16.09
CA PHE B 190 6.22 -7.20 14.88
C PHE B 190 4.83 -6.95 14.30
N SER B 191 4.02 -8.00 14.22
N SER B 191 4.02 -8.00 14.22
CA SER B 191 2.67 -7.88 13.62
CA SER B 191 2.68 -7.87 13.64
C SER B 191 1.75 -7.00 14.47
C SER B 191 1.77 -6.98 14.47
N LYS B 192 1.82 -7.16 15.79
CA LYS B 192 1.02 -6.35 16.72
C LYS B 192 1.37 -4.86 16.61
N ILE B 193 2.65 -4.55 16.60
CA ILE B 193 3.09 -3.17 16.49
C ILE B 193 2.66 -2.55 15.15
N ASN B 194 2.67 -3.36 14.08
CA ASN B 194 2.30 -2.89 12.74
C ASN B 194 0.81 -3.03 12.41
N ASN B 195 0.02 -3.50 13.38
CA ASN B 195 -1.44 -3.64 13.21
C ASN B 195 -1.80 -4.64 12.11
N ILE B 196 -0.96 -5.64 11.89
CA ILE B 196 -1.19 -6.64 10.85
C ILE B 196 -2.21 -7.65 11.37
N ASN B 197 -3.22 -7.91 10.57
CA ASN B 197 -4.21 -8.94 10.90
C ASN B 197 -3.98 -10.23 10.13
N LYS B 198 -3.63 -10.12 8.86
CA LYS B 198 -3.55 -11.27 7.97
C LYS B 198 -2.72 -10.92 6.74
N ILE B 199 -2.13 -11.94 6.12
CA ILE B 199 -1.30 -11.79 4.94
C ILE B 199 -1.87 -12.59 3.78
N PHE B 200 -1.99 -11.94 2.62
CA PHE B 200 -2.18 -12.64 1.35
C PHE B 200 -0.83 -12.79 0.67
N LEU B 201 -0.35 -14.03 0.57
CA LEU B 201 0.92 -14.32 -0.06
C LEU B 201 0.68 -14.76 -1.51
N CYS B 202 0.97 -13.88 -2.45
CA CYS B 202 0.66 -14.09 -3.86
C CYS B 202 1.66 -15.03 -4.54
N SER B 203 1.15 -15.93 -5.38
CA SER B 203 1.98 -16.92 -6.08
C SER B 203 1.67 -16.85 -7.57
N SER B 204 2.69 -17.06 -8.39
CA SER B 204 2.51 -17.24 -9.83
C SER B 204 1.67 -18.50 -10.12
N GLY B 205 1.74 -19.48 -9.22
CA GLY B 205 1.10 -20.78 -9.41
C GLY B 205 2.03 -21.82 -10.04
N GLY B 206 3.10 -21.35 -10.68
CA GLY B 206 4.11 -22.22 -11.26
C GLY B 206 3.68 -22.84 -12.57
N PRO B 207 4.61 -23.57 -13.21
CA PRO B 207 4.32 -24.14 -14.54
C PRO B 207 3.29 -25.27 -14.58
N PHE B 208 2.96 -25.88 -13.45
CA PHE B 208 2.00 -26.99 -13.40
C PHE B 208 0.62 -26.61 -12.87
N GLN B 209 0.35 -25.32 -12.72
CA GLN B 209 -0.89 -24.85 -12.07
C GLN B 209 -2.19 -25.34 -12.69
N ASN B 210 -2.21 -25.53 -14.01
CA ASN B 210 -3.44 -25.93 -14.73
C ASN B 210 -3.47 -27.41 -15.12
N LEU B 211 -2.50 -28.20 -14.65
CA LEU B 211 -2.47 -29.64 -14.98
C LEU B 211 -3.52 -30.42 -14.19
N THR B 212 -4.03 -31.48 -14.81
CA THR B 212 -4.90 -32.42 -14.11
C THR B 212 -4.04 -33.32 -13.22
N MET B 213 -4.69 -34.04 -12.31
CA MET B 213 -3.99 -35.02 -11.47
C MET B 213 -3.23 -36.06 -12.30
N ASP B 214 -3.85 -36.57 -13.36
CA ASP B 214 -3.21 -37.54 -14.25
C ASP B 214 -2.00 -36.94 -14.97
N GLU B 215 -2.12 -35.70 -15.44
CA GLU B 215 -0.99 -35.00 -16.03
C GLU B 215 0.14 -34.80 -15.02
N LEU B 216 -0.21 -34.39 -13.80
CA LEU B 216 0.80 -34.23 -12.72
C LEU B 216 1.61 -35.48 -12.39
N LYS B 217 0.97 -36.64 -12.39
CA LYS B 217 1.66 -37.90 -12.09
C LYS B 217 2.88 -38.16 -12.97
N ASN B 218 2.80 -37.72 -14.23
CA ASN B 218 3.85 -37.95 -15.23
C ASN B 218 4.80 -36.78 -15.51
N VAL B 219 4.56 -35.59 -14.93
CA VAL B 219 5.45 -34.43 -15.21
C VAL B 219 6.90 -34.69 -14.85
N THR B 220 7.80 -34.13 -15.64
CA THR B 220 9.23 -34.20 -15.37
C THR B 220 9.77 -32.81 -15.17
N SER B 221 11.02 -32.74 -14.71
CA SER B 221 11.72 -31.47 -14.51
C SER B 221 11.88 -30.69 -15.81
N GLU B 222 12.08 -31.41 -16.92
CA GLU B 222 12.11 -30.79 -18.25
C GLU B 222 10.91 -29.89 -18.50
N ASN B 223 9.72 -30.39 -18.15
CA ASN B 223 8.46 -29.67 -18.31
C ASN B 223 8.40 -28.38 -17.47
N ALA B 224 8.97 -28.43 -16.27
CA ALA B 224 9.08 -27.25 -15.42
C ALA B 224 10.09 -26.24 -15.98
N LEU B 225 11.27 -26.73 -16.33
CA LEU B 225 12.37 -25.88 -16.79
C LEU B 225 12.21 -25.30 -18.21
N LYS B 226 11.41 -25.95 -19.06
CA LYS B 226 11.20 -25.49 -20.45
C LYS B 226 10.34 -24.22 -20.52
N HIS B 227 10.56 -23.44 -21.58
CA HIS B 227 9.86 -22.16 -21.85
C HIS B 227 9.36 -21.45 -20.58
N PRO B 228 10.29 -20.98 -19.73
CA PRO B 228 9.88 -20.32 -18.48
C PRO B 228 9.16 -19.00 -18.72
N LYS B 229 8.28 -18.64 -17.79
CA LYS B 229 7.60 -17.34 -17.81
C LYS B 229 8.62 -16.24 -17.53
N TRP B 230 9.44 -16.45 -16.51
CA TRP B 230 10.56 -15.56 -16.16
C TRP B 230 11.81 -16.42 -15.92
N LYS B 231 12.99 -15.83 -16.12
CA LYS B 231 14.26 -16.56 -16.00
C LYS B 231 14.69 -16.69 -14.53
N MET B 232 14.92 -17.93 -14.07
CA MET B 232 15.41 -18.18 -12.71
C MET B 232 16.04 -19.58 -12.53
N GLY B 233 16.72 -19.77 -11.41
CA GLY B 233 17.49 -20.98 -11.11
C GLY B 233 16.69 -22.27 -11.10
N LYS B 234 17.40 -23.40 -11.23
CA LYS B 234 16.75 -24.71 -11.32
C LYS B 234 16.03 -25.10 -10.03
N LYS B 235 16.67 -24.89 -8.89
CA LYS B 235 16.09 -25.26 -7.60
C LYS B 235 14.78 -24.52 -7.34
N ILE B 236 14.80 -23.19 -7.44
CA ILE B 236 13.58 -22.41 -7.24
C ILE B 236 12.51 -22.70 -8.30
N THR B 237 12.92 -23.02 -9.54
CA THR B 237 11.93 -23.36 -10.57
C THR B 237 11.19 -24.64 -10.20
N ILE B 238 11.93 -25.63 -9.69
CA ILE B 238 11.28 -26.87 -9.23
C ILE B 238 10.38 -26.58 -8.04
N ASP B 239 10.85 -25.75 -7.10
CA ASP B 239 10.02 -25.35 -5.95
C ASP B 239 8.75 -24.59 -6.38
N SER B 240 8.85 -23.77 -7.43
CA SER B 240 7.67 -23.10 -7.96
C SER B 240 6.69 -24.11 -8.57
N ALA B 241 7.23 -25.13 -9.22
CA ALA B 241 6.40 -26.18 -9.84
C ALA B 241 5.62 -27.00 -8.83
N THR B 242 6.25 -27.34 -7.70
CA THR B 242 5.58 -28.07 -6.63
C THR B 242 4.82 -27.19 -5.65
N MET B 243 5.02 -25.88 -5.77
CA MET B 243 4.57 -24.86 -4.80
C MET B 243 5.22 -24.97 -3.42
N MET B 244 6.30 -25.77 -3.30
CA MET B 244 7.08 -25.76 -2.07
C MET B 244 7.75 -24.41 -1.89
N ASN B 245 7.97 -23.69 -3.00
CA ASN B 245 8.48 -22.34 -2.88
C ASN B 245 7.55 -21.51 -2.01
N LYS B 246 6.25 -21.57 -2.27
CA LYS B 246 5.28 -20.84 -1.47
C LYS B 246 5.20 -21.42 -0.05
N GLY B 247 5.34 -22.75 0.08
CA GLY B 247 5.42 -23.39 1.40
C GLY B 247 6.52 -22.80 2.25
N LEU B 248 7.71 -22.73 1.68
CA LEU B 248 8.85 -22.11 2.36
C LEU B 248 8.55 -20.65 2.68
N GLU B 249 7.90 -19.96 1.75
CA GLU B 249 7.59 -18.55 1.94
C GLU B 249 6.55 -18.28 3.03
N VAL B 250 5.68 -19.25 3.29
CA VAL B 250 4.73 -19.17 4.40
C VAL B 250 5.50 -19.14 5.71
N ILE B 251 6.45 -20.06 5.84
CA ILE B 251 7.28 -20.12 7.03
C ILE B 251 8.15 -18.86 7.14
N GLU B 252 8.69 -18.40 6.02
CA GLU B 252 9.44 -17.14 5.98
C GLU B 252 8.59 -15.97 6.51
N THR B 253 7.34 -15.92 6.07
CA THR B 253 6.40 -14.88 6.51
C THR B 253 6.19 -14.92 8.02
N HIS B 254 5.96 -16.11 8.53
CA HIS B 254 5.76 -16.31 9.96
C HIS B 254 6.95 -15.78 10.77
N PHE B 255 8.15 -16.14 10.34
CA PHE B 255 9.35 -15.72 11.06
C PHE B 255 9.68 -14.25 10.89
N LEU B 256 9.60 -13.75 9.66
CA LEU B 256 9.90 -12.34 9.41
C LEU B 256 8.97 -11.38 10.14
N PHE B 257 7.68 -11.68 10.13
CA PHE B 257 6.66 -10.72 10.53
C PHE B 257 5.86 -11.13 11.76
N ASP B 258 6.18 -12.29 12.36
CA ASP B 258 5.46 -12.80 13.52
C ASP B 258 3.94 -12.86 13.29
N VAL B 259 3.57 -13.39 12.12
CA VAL B 259 2.17 -13.60 11.75
C VAL B 259 1.84 -15.08 11.99
N ASP B 260 0.70 -15.33 12.64
CA ASP B 260 0.26 -16.71 12.91
C ASP B 260 -0.02 -17.43 11.60
N TYR B 261 0.26 -18.72 11.55
CA TYR B 261 0.02 -19.52 10.34
C TYR B 261 -1.43 -19.48 9.86
N ASN B 262 -2.38 -19.43 10.79
CA ASN B 262 -3.80 -19.32 10.43
C ASN B 262 -4.15 -17.99 9.73
N ASP B 263 -3.25 -17.00 9.85
CA ASP B 263 -3.42 -15.69 9.25
C ASP B 263 -2.54 -15.46 8.01
N ILE B 264 -2.04 -16.54 7.41
CA ILE B 264 -1.29 -16.45 6.16
C ILE B 264 -2.04 -17.26 5.11
N GLU B 265 -2.46 -16.60 4.04
CA GLU B 265 -3.22 -17.25 2.96
C GLU B 265 -2.42 -17.20 1.68
N VAL B 266 -2.18 -18.37 1.08
CA VAL B 266 -1.54 -18.42 -0.24
C VAL B 266 -2.60 -18.27 -1.31
N ILE B 267 -2.36 -17.34 -2.23
CA ILE B 267 -3.32 -17.08 -3.31
C ILE B 267 -2.58 -17.05 -4.64
N VAL B 268 -3.15 -17.74 -5.63
CA VAL B 268 -2.55 -17.80 -6.96
C VAL B 268 -2.99 -16.59 -7.76
N HIS B 269 -2.02 -15.78 -8.14
CA HIS B 269 -2.22 -14.57 -8.91
C HIS B 269 -1.31 -14.69 -10.14
N LYS B 270 -1.85 -15.29 -11.20
CA LYS B 270 -1.03 -15.69 -12.34
C LYS B 270 -0.37 -14.54 -13.10
N GLU B 271 -0.95 -13.35 -13.03
CA GLU B 271 -0.39 -12.17 -13.73
C GLU B 271 0.87 -11.59 -13.07
N CYS B 272 1.11 -11.90 -11.81
CA CYS B 272 2.34 -11.50 -11.12
C CYS B 272 2.55 -9.99 -11.09
N ILE B 273 1.46 -9.26 -10.91
CA ILE B 273 1.48 -7.80 -10.76
C ILE B 273 1.37 -7.41 -9.29
N ILE B 274 0.30 -7.85 -8.62
CA ILE B 274 0.20 -7.75 -7.15
C ILE B 274 1.16 -8.74 -6.52
N HIS B 275 2.12 -8.26 -5.74
CA HIS B 275 3.20 -9.14 -5.24
C HIS B 275 2.94 -9.71 -3.87
N SER B 276 2.04 -9.08 -3.12
CA SER B 276 1.37 -9.64 -1.93
C SER B 276 0.58 -8.52 -1.27
N CYS B 277 -0.25 -8.87 -0.28
CA CYS B 277 -1.16 -7.90 0.34
C CYS B 277 -1.17 -8.08 1.85
N VAL B 278 -1.40 -6.98 2.56
CA VAL B 278 -1.52 -7.00 4.02
C VAL B 278 -2.89 -6.49 4.42
N GLU B 279 -3.62 -7.29 5.21
CA GLU B 279 -4.87 -6.89 5.82
C GLU B 279 -4.55 -6.41 7.23
N PHE B 280 -4.94 -5.18 7.53
CA PHE B 280 -4.75 -4.62 8.86
C PHE B 280 -5.93 -4.91 9.76
N ILE B 281 -5.79 -4.59 11.04
CA ILE B 281 -6.81 -4.91 12.05
C ILE B 281 -8.17 -4.24 11.82
N ASP B 282 -8.21 -3.14 11.06
CA ASP B 282 -9.48 -2.53 10.64
C ASP B 282 -10.12 -3.21 9.42
N LYS B 283 -9.41 -4.18 8.85
CA LYS B 283 -9.75 -4.91 7.61
C LYS B 283 -9.45 -4.14 6.32
N SER B 284 -8.84 -2.97 6.41
CA SER B 284 -8.29 -2.36 5.21
C SER B 284 -7.11 -3.20 4.71
N VAL B 285 -7.05 -3.39 3.38
CA VAL B 285 -5.98 -4.17 2.75
C VAL B 285 -5.09 -3.23 1.93
N ILE B 286 -3.78 -3.34 2.12
CA ILE B 286 -2.79 -2.61 1.33
C ILE B 286 -1.99 -3.65 0.52
N SER B 287 -1.75 -3.36 -0.76
N SER B 287 -1.71 -3.32 -0.73
CA SER B 287 -0.96 -4.23 -1.64
CA SER B 287 -0.95 -4.20 -1.63
C SER B 287 0.12 -3.45 -2.34
C SER B 287 0.14 -3.42 -2.34
N GLN B 288 1.18 -4.15 -2.76
CA GLN B 288 2.24 -3.59 -3.57
C GLN B 288 2.16 -4.27 -4.93
N MET B 289 2.37 -3.46 -5.96
CA MET B 289 2.19 -3.85 -7.35
C MET B 289 3.34 -3.34 -8.20
N TYR B 290 3.80 -4.18 -9.11
CA TYR B 290 4.68 -3.74 -10.19
C TYR B 290 4.76 -4.88 -11.20
N TYR B 291 5.36 -4.64 -12.36
CA TYR B 291 5.76 -5.74 -13.24
C TYR B 291 6.65 -6.71 -12.45
N PRO B 292 6.69 -7.98 -12.88
CA PRO B 292 7.60 -8.90 -12.19
C PRO B 292 9.08 -8.59 -12.52
N ASP B 293 9.67 -7.69 -11.74
CA ASP B 293 11.06 -7.21 -11.90
C ASP B 293 11.69 -7.09 -10.52
N MET B 294 12.63 -8.00 -10.25
CA MET B 294 13.28 -8.14 -8.95
C MET B 294 14.11 -6.91 -8.51
N GLN B 295 14.36 -5.97 -9.43
CA GLN B 295 15.06 -4.74 -9.07
C GLN B 295 14.32 -3.89 -8.00
N ILE B 296 13.00 -3.86 -8.01
CA ILE B 296 12.26 -3.09 -7.00
C ILE B 296 12.48 -3.60 -5.56
N PRO B 297 12.26 -4.91 -5.32
CA PRO B 297 12.51 -5.42 -3.95
C PRO B 297 13.95 -5.26 -3.49
N ILE B 298 14.90 -5.48 -4.40
CA ILE B 298 16.32 -5.30 -4.06
C ILE B 298 16.56 -3.83 -3.72
N LEU B 299 16.09 -2.93 -4.57
CA LEU B 299 16.31 -1.50 -4.34
C LEU B 299 15.72 -1.04 -3.01
N TYR B 300 14.49 -1.44 -2.74
CA TYR B 300 13.83 -1.04 -1.50
C TYR B 300 14.62 -1.51 -0.27
N SER B 301 15.19 -2.71 -0.32
CA SER B 301 15.98 -3.19 0.82
C SER B 301 17.16 -2.26 1.12
N LEU B 302 17.71 -1.63 0.08
CA LEU B 302 18.83 -0.71 0.20
C LEU B 302 18.46 0.75 0.47
N THR B 303 17.23 1.17 0.15
CA THR B 303 16.79 2.55 0.38
C THR B 303 15.92 2.70 1.62
N TRP B 304 15.23 1.63 2.03
CA TRP B 304 14.36 1.66 3.23
C TRP B 304 15.06 2.40 4.37
N PRO B 305 14.35 3.30 5.07
CA PRO B 305 12.94 3.65 4.98
C PRO B 305 12.56 4.71 3.93
N ASP B 306 13.50 5.06 3.06
CA ASP B 306 13.26 6.01 1.98
CA ASP B 306 13.25 6.02 1.99
C ASP B 306 13.04 5.30 0.66
N ARG B 307 12.67 6.05 -0.36
CA ARG B 307 12.63 5.60 -1.74
C ARG B 307 13.44 6.59 -2.57
N ILE B 308 13.98 6.11 -3.69
CA ILE B 308 14.73 6.97 -4.61
C ILE B 308 14.20 6.85 -6.03
N LYS B 309 14.57 7.80 -6.88
CA LYS B 309 14.13 7.79 -8.26
C LYS B 309 14.74 6.63 -9.05
N THR B 310 13.94 5.99 -9.90
CA THR B 310 14.43 5.08 -10.91
C THR B 310 13.92 5.49 -12.27
N ASN B 311 14.50 4.88 -13.30
CA ASN B 311 14.06 5.01 -14.68
C ASN B 311 13.35 3.74 -15.16
N LEU B 312 12.80 2.94 -14.24
CA LEU B 312 12.03 1.76 -14.60
C LEU B 312 10.73 2.16 -15.28
N LYS B 313 10.26 1.30 -16.18
CA LYS B 313 9.00 1.51 -16.88
C LYS B 313 7.82 1.63 -15.89
N PRO B 314 7.00 2.70 -16.00
CA PRO B 314 5.82 2.79 -15.13
C PRO B 314 4.78 1.73 -15.45
N LEU B 315 4.15 1.20 -14.39
CA LEU B 315 3.10 0.20 -14.54
C LEU B 315 1.92 0.77 -15.33
N ASP B 316 1.53 0.09 -16.40
CA ASP B 316 0.38 0.50 -17.20
C ASP B 316 -0.76 -0.45 -16.86
N LEU B 317 -1.53 -0.07 -15.83
CA LEU B 317 -2.65 -0.90 -15.34
C LEU B 317 -3.72 -1.17 -16.40
N ALA B 318 -4.06 -0.15 -17.18
CA ALA B 318 -5.03 -0.33 -18.27
C ALA B 318 -4.57 -1.40 -19.26
N GLN B 319 -3.29 -1.40 -19.59
CA GLN B 319 -2.74 -2.41 -20.50
C GLN B 319 -2.74 -3.81 -19.89
N VAL B 320 -2.35 -3.89 -18.62
CA VAL B 320 -2.44 -5.16 -17.87
C VAL B 320 -3.87 -5.68 -17.92
N SER B 321 -4.81 -4.78 -17.66
CA SER B 321 -6.24 -4.97 -17.90
C SER B 321 -6.99 -5.82 -16.88
N THR B 322 -6.44 -7.00 -16.55
CA THR B 322 -7.13 -7.95 -15.70
C THR B 322 -6.15 -8.57 -14.72
N LEU B 323 -6.55 -8.64 -13.45
CA LEU B 323 -5.81 -9.33 -12.39
C LEU B 323 -6.73 -10.42 -11.82
N THR B 324 -6.20 -11.62 -11.62
CA THR B 324 -7.03 -12.74 -11.16
C THR B 324 -6.44 -13.37 -9.92
N PHE B 325 -7.31 -14.03 -9.16
CA PHE B 325 -6.93 -14.65 -7.89
C PHE B 325 -7.71 -15.94 -7.70
N HIS B 326 -7.02 -17.00 -7.31
CA HIS B 326 -7.72 -18.22 -6.91
C HIS B 326 -6.92 -18.98 -5.86
N LYS B 327 -7.62 -19.88 -5.18
CA LYS B 327 -7.02 -20.70 -4.12
C LYS B 327 -6.29 -21.86 -4.77
N PRO B 328 -5.06 -22.18 -4.33
CA PRO B 328 -4.41 -23.38 -4.85
C PRO B 328 -5.03 -24.67 -4.32
N SER B 329 -4.98 -25.73 -5.13
CA SER B 329 -5.44 -27.05 -4.71
C SER B 329 -4.36 -27.74 -3.90
N LEU B 330 -4.67 -28.08 -2.65
CA LEU B 330 -3.73 -28.80 -1.80
C LEU B 330 -3.57 -30.28 -2.21
N GLU B 331 -4.54 -30.82 -2.95
CA GLU B 331 -4.41 -32.17 -3.55
C GLU B 331 -3.36 -32.18 -4.66
N HIS B 332 -3.35 -31.14 -5.48
CA HIS B 332 -2.38 -31.02 -6.58
C HIS B 332 -1.02 -30.55 -6.10
N PHE B 333 -1.01 -29.73 -5.04
CA PHE B 333 0.21 -29.14 -4.47
C PHE B 333 0.34 -29.46 -2.98
N PRO B 334 0.55 -30.75 -2.65
CA PRO B 334 0.64 -31.17 -1.24
C PRO B 334 1.82 -30.57 -0.47
N CYS B 335 2.88 -30.15 -1.17
CA CYS B 335 3.99 -29.45 -0.49
C CYS B 335 3.54 -28.23 0.32
N ILE B 336 2.50 -27.53 -0.14
CA ILE B 336 1.95 -26.40 0.61
C ILE B 336 1.43 -26.85 1.98
N LYS B 337 0.64 -27.92 1.97
CA LYS B 337 0.11 -28.49 3.20
C LYS B 337 1.22 -28.93 4.14
N LEU B 338 2.22 -29.63 3.61
CA LEU B 338 3.34 -30.10 4.42
C LEU B 338 4.09 -28.94 5.06
N ALA B 339 4.25 -27.84 4.32
CA ALA B 339 4.89 -26.64 4.87
C ALA B 339 4.10 -26.04 6.03
N TYR B 340 2.78 -25.90 5.89
CA TYR B 340 1.93 -25.42 6.99
C TYR B 340 2.03 -26.34 8.20
N GLN B 341 1.95 -27.64 7.95
CA GLN B 341 2.06 -28.63 9.02
C GLN B 341 3.38 -28.50 9.78
N ALA B 342 4.49 -28.42 9.04
CA ALA B 342 5.82 -28.26 9.66
C ALA B 342 5.91 -26.95 10.44
N GLY B 343 5.41 -25.87 9.86
CA GLY B 343 5.41 -24.57 10.54
C GLY B 343 4.60 -24.57 11.82
N ILE B 344 3.38 -25.09 11.75
CA ILE B 344 2.49 -25.16 12.90
C ILE B 344 3.07 -26.07 14.00
N LYS B 345 3.69 -27.17 13.62
CA LYS B 345 4.30 -28.03 14.64
C LYS B 345 5.51 -27.35 15.30
N GLY B 346 6.21 -26.49 14.56
CA GLY B 346 7.25 -25.68 15.12
C GLY B 346 8.49 -26.48 15.43
N ASN B 347 9.16 -26.14 16.53
CA ASN B 347 10.43 -26.76 16.87
C ASN B 347 11.36 -26.71 15.64
N PHE B 348 12.05 -27.79 15.28
CA PHE B 348 12.93 -27.80 14.13
C PHE B 348 12.27 -28.44 12.91
N TYR B 349 10.94 -28.58 12.92
CA TYR B 349 10.26 -29.16 11.76
C TYR B 349 10.52 -28.35 10.48
N PRO B 350 10.57 -27.00 10.57
CA PRO B 350 10.95 -26.25 9.35
C PRO B 350 12.34 -26.59 8.81
N THR B 351 13.30 -26.81 9.70
CA THR B 351 14.65 -27.25 9.30
C THR B 351 14.54 -28.57 8.53
N VAL B 352 13.73 -29.48 9.05
CA VAL B 352 13.55 -30.79 8.46
C VAL B 352 12.85 -30.71 7.09
N LEU B 353 11.81 -29.87 7.02
CA LEU B 353 11.09 -29.61 5.78
C LEU B 353 12.04 -29.12 4.70
N ASN B 354 12.85 -28.13 5.04
CA ASN B 354 13.77 -27.53 4.09
C ASN B 354 14.83 -28.51 3.60
N ALA B 355 15.42 -29.26 4.54
CA ALA B 355 16.49 -30.21 4.25
C ALA B 355 16.00 -31.37 3.39
N SER B 356 14.85 -31.95 3.77
CA SER B 356 14.26 -33.05 3.02
C SER B 356 13.84 -32.58 1.63
N ASN B 357 13.30 -31.36 1.53
CA ASN B 357 12.98 -30.79 0.22
C ASN B 357 14.22 -30.58 -0.67
N GLU B 358 15.32 -30.15 -0.08
CA GLU B 358 16.57 -29.99 -0.81
C GLU B 358 16.91 -31.28 -1.56
N ILE B 359 16.79 -32.41 -0.88
CA ILE B 359 17.08 -33.71 -1.48
C ILE B 359 16.03 -34.11 -2.52
N ALA B 360 14.75 -34.02 -2.15
CA ALA B 360 13.66 -34.43 -3.03
C ALA B 360 13.59 -33.59 -4.32
N ASN B 361 13.80 -32.27 -4.17
CA ASN B 361 13.87 -31.35 -5.31
C ASN B 361 14.94 -31.80 -6.30
N ASN B 362 16.14 -32.06 -5.78
CA ASN B 362 17.27 -32.45 -6.61
C ASN B 362 17.07 -33.83 -7.25
N LEU B 363 16.43 -34.76 -6.54
CA LEU B 363 16.09 -36.08 -7.11
C LEU B 363 15.12 -35.95 -8.29
N PHE B 364 14.11 -35.10 -8.15
CA PHE B 364 13.17 -34.85 -9.24
C PHE B 364 13.85 -34.11 -10.39
N LEU B 365 14.64 -33.09 -10.05
CA LEU B 365 15.43 -32.36 -11.06
C LEU B 365 16.21 -33.32 -11.96
N ASN B 366 16.89 -34.27 -11.33
CA ASN B 366 17.70 -35.27 -12.03
C ASN B 366 16.97 -36.56 -12.45
N ASN B 367 15.63 -36.50 -12.50
CA ASN B 367 14.78 -37.55 -13.05
C ASN B 367 14.85 -38.88 -12.30
N LYS B 368 15.16 -38.83 -11.01
CA LYS B 368 15.28 -40.03 -10.18
C LYS B 368 13.97 -40.42 -9.50
N ILE B 369 13.06 -39.46 -9.29
CA ILE B 369 11.76 -39.69 -8.67
C ILE B 369 10.69 -38.90 -9.41
N LYS B 370 9.44 -39.24 -9.16
CA LYS B 370 8.30 -38.58 -9.80
C LYS B 370 7.77 -37.44 -8.94
N TYR B 371 6.82 -36.69 -9.49
CA TYR B 371 6.29 -35.48 -8.83
C TYR B 371 5.74 -35.74 -7.43
N PHE B 372 4.86 -36.72 -7.30
CA PHE B 372 4.26 -37.03 -5.98
C PHE B 372 5.20 -37.74 -5.02
N ASP B 373 6.31 -38.29 -5.53
CA ASP B 373 7.38 -38.80 -4.67
C ASP B 373 8.06 -37.68 -3.87
N ILE B 374 8.03 -36.45 -4.40
CA ILE B 374 8.65 -35.31 -3.71
C ILE B 374 7.99 -35.12 -2.36
N SER B 375 6.67 -34.93 -2.38
CA SER B 375 5.89 -34.76 -1.16
C SER B 375 5.87 -36.03 -0.30
N SER B 376 5.89 -37.20 -0.93
CA SER B 376 5.96 -38.45 -0.16
C SER B 376 7.24 -38.53 0.67
N ILE B 377 8.38 -38.24 0.06
CA ILE B 377 9.65 -38.28 0.77
C ILE B 377 9.68 -37.26 1.91
N ILE B 378 9.25 -36.04 1.63
CA ILE B 378 9.27 -34.99 2.65
C ILE B 378 8.36 -35.36 3.83
N SER B 379 7.16 -35.86 3.50
CA SER B 379 6.21 -36.29 4.52
C SER B 379 6.81 -37.37 5.42
N GLN B 380 7.45 -38.36 4.81
CA GLN B 380 8.09 -39.45 5.57
C GLN B 380 9.19 -38.96 6.51
N VAL B 381 10.02 -38.03 6.04
CA VAL B 381 11.10 -37.47 6.86
C VAL B 381 10.51 -36.67 8.02
N LEU B 382 9.49 -35.84 7.74
CA LEU B 382 8.79 -35.13 8.80
C LEU B 382 8.18 -36.05 9.85
N GLU B 383 7.57 -37.17 9.41
CA GLU B 383 7.01 -38.17 10.35
C GLU B 383 8.09 -38.80 11.22
N SER B 384 9.26 -39.02 10.62
CA SER B 384 10.40 -39.63 11.32
C SER B 384 11.00 -38.71 12.39
N PHE B 385 10.96 -37.40 12.17
CA PHE B 385 11.66 -36.48 13.05
C PHE B 385 11.07 -36.50 14.46
N ASN B 386 11.94 -36.44 15.45
CA ASN B 386 11.54 -36.27 16.83
C ASN B 386 12.00 -34.90 17.32
N SER B 387 11.08 -34.14 17.89
CA SER B 387 11.38 -32.81 18.40
C SER B 387 12.51 -32.85 19.43
N GLN B 388 13.31 -31.79 19.46
CA GLN B 388 14.44 -31.68 20.39
C GLN B 388 14.28 -30.43 21.23
N LYS B 389 14.79 -30.47 22.47
CA LYS B 389 14.86 -29.28 23.29
C LYS B 389 15.72 -28.25 22.58
N VAL B 390 15.18 -27.04 22.43
CA VAL B 390 15.87 -25.96 21.73
C VAL B 390 16.98 -25.41 22.62
N SER B 391 18.22 -25.48 22.13
CA SER B 391 19.39 -24.96 22.86
C SER B 391 19.25 -23.48 23.17
N GLU B 392 19.66 -23.09 24.38
CA GLU B 392 19.63 -21.69 24.81
C GLU B 392 20.84 -20.91 24.27
N ASN B 393 22.00 -21.56 24.21
CA ASN B 393 23.22 -20.92 23.69
C ASN B 393 23.14 -20.84 22.15
N SER B 394 23.48 -19.69 21.60
CA SER B 394 23.33 -19.44 20.15
C SER B 394 24.26 -20.32 19.31
N GLU B 395 25.49 -20.53 19.78
CA GLU B 395 26.44 -21.42 19.10
C GLU B 395 25.99 -22.88 19.16
N ASP B 396 25.48 -23.31 20.31
CA ASP B 396 24.87 -24.64 20.44
C ASP B 396 23.65 -24.78 19.53
N LEU B 397 22.86 -23.72 19.42
CA LEU B 397 21.68 -23.71 18.56
C LEU B 397 22.05 -23.86 17.08
N MET B 398 23.05 -23.12 16.62
CA MET B 398 23.52 -23.25 15.23
C MET B 398 23.96 -24.69 14.94
N LYS B 399 24.72 -25.28 15.86
CA LYS B 399 25.20 -26.67 15.70
C LYS B 399 24.04 -27.66 15.64
N GLN B 400 23.01 -27.40 16.43
CA GLN B 400 21.81 -28.22 16.48
C GLN B 400 21.06 -28.15 15.14
N ILE B 401 20.91 -26.95 14.60
CA ILE B 401 20.29 -26.76 13.29
C ILE B 401 21.05 -27.52 12.20
N LEU B 402 22.38 -27.36 12.19
CA LEU B 402 23.21 -28.05 11.20
C LEU B 402 23.12 -29.57 11.34
N GLN B 403 23.11 -30.08 12.56
CA GLN B 403 22.96 -31.52 12.81
C GLN B 403 21.62 -32.06 12.28
N ILE B 404 20.54 -31.33 12.52
CA ILE B 404 19.19 -31.74 12.11
C ILE B 404 19.07 -31.65 10.58
N HIS B 405 19.66 -30.61 10.01
CA HIS B 405 19.71 -30.44 8.55
C HIS B 405 20.40 -31.64 7.90
N SER B 406 21.57 -32.00 8.42
CA SER B 406 22.32 -33.14 7.90
C SER B 406 21.53 -34.46 8.07
N TRP B 407 20.94 -34.65 9.25
CA TRP B 407 20.12 -35.83 9.52
C TRP B 407 18.97 -35.96 8.50
N ALA B 408 18.29 -34.84 8.23
CA ALA B 408 17.11 -34.86 7.37
C ALA B 408 17.47 -35.11 5.90
N LYS B 409 18.58 -34.55 5.44
CA LYS B 409 19.08 -34.87 4.10
C LYS B 409 19.41 -36.36 3.98
N ASP B 410 20.12 -36.89 4.98
CA ASP B 410 20.48 -38.32 4.98
C ASP B 410 19.25 -39.22 5.07
N LYS B 411 18.26 -38.83 5.87
CA LYS B 411 17.03 -39.61 5.98
C LYS B 411 16.25 -39.63 4.66
N ALA B 412 16.16 -38.48 3.98
CA ALA B 412 15.50 -38.42 2.67
C ALA B 412 16.23 -39.33 1.67
N THR B 413 17.54 -39.23 1.66
CA THR B 413 18.40 -40.02 0.78
C THR B 413 18.23 -41.53 1.04
N ASP B 414 18.18 -41.92 2.31
CA ASP B 414 17.96 -43.33 2.67
C ASP B 414 16.59 -43.85 2.24
N ILE B 415 15.55 -43.01 2.39
CA ILE B 415 14.20 -43.37 1.93
C ILE B 415 14.20 -43.60 0.41
N TYR B 416 14.88 -42.72 -0.33
CA TYR B 416 15.02 -42.90 -1.78
C TYR B 416 15.74 -44.23 -2.10
N ASN B 417 16.90 -44.43 -1.48
CA ASN B 417 17.71 -45.65 -1.70
C ASN B 417 16.97 -46.96 -1.37
N LYS B 418 16.12 -46.95 -0.35
CA LYS B 418 15.29 -48.14 -0.02
C LYS B 418 14.31 -48.45 -1.16
N HIS B 419 13.56 -47.45 -1.61
CA HIS B 419 12.56 -47.61 -2.67
C HIS B 419 13.17 -47.83 -4.08
N ASN B 420 14.42 -47.42 -4.28
CA ASN B 420 15.07 -47.54 -5.59
C ASN B 420 15.47 -48.99 -5.90
#